data_1QJU
#
_entry.id   1QJU
#
_cell.length_a   362.600
_cell.length_b   347.100
_cell.length_c   334.900
_cell.angle_alpha   90.00
_cell.angle_beta   90.00
_cell.angle_gamma   90.00
#
_symmetry.space_group_name_H-M   'P 2 21 21'
#
loop_
_entity.id
_entity.type
_entity.pdbx_description
1 polymer 'PROTEIN VP1'
2 polymer 'PROTEIN VP2'
3 polymer 'PROTEIN VP3'
4 polymer 'PROTEIN VP4'
5 non-polymer 'ZINC ION'
6 non-polymer 2,6-DIMETHYL-1-(3-[3-METHYL-5-ISOXAZOLYL]-PROPANYL)-4-[2N-METHYL-2H-TETRAZOL-5-YL]-PHENOL
7 non-polymer 'MYRISTIC ACID'
8 water water
#
loop_
_entity_poly.entity_id
_entity_poly.type
_entity_poly.pdbx_seq_one_letter_code
_entity_poly.pdbx_strand_id
1 'polypeptide(L)'
;NPVERYVDEVLNEVLVVPNINQSHPTTSNAAPVLDAAETGHTNKIQPEDTIETRYVQSSQTLDEMSVESFLGRSGCIHES
VLDIVDNYNDQSFTKWNINLQEMAQIRRKFEMFTYARFDSEITMVPSVAAKDGHIGHIVMQYMYVPPGAPIPTTRDDYAW
QSGTNASVFWQHGQPFPRFSLPFLSIASAYYMFYDGYDGDTYKSRYGTVVTNDMGTLCSRIVTSEQLHKVKVVTRIYHKA
KHTKAWCPRPPRAVQYSHTHTTNYKLSSEVHNDVAIRPRTNLTTV
;
1
2 'polypeptide(L)'
;SPSVEACGYSDRIIQITRGDSTITSQDVANAVVGYGVWPHYLTPQDATAIDKPTQPDTSSNRFYTLDSKMWNSTSKGWWW
KLPDALKDMGIFGENMFYHFLGRSGYTVHVQCNASKFHQGTLLVVMIPEHQLATVNKGNVNAGYKYTHPGEAGREVGTQV
ENEKQPSDDNWLNFDGTLLGNLLIFPHQFINLRSNNSATLIVPYVNAVPMDSMVRHNNWSLVIIPVCQLQSNNISNIVPI
TVSISPMCAEFSGARAKTVVQ
;
2
3 'polypeptide(L)'
;GLPVYVTPGSGQFMTTDDMQSPCALPWYHPTKEIFIPGEVKNLIEMCQVDTLIPINSTQSNIGNVSMYTVTLSPQTKLAE
EIFAIKVDIASHPLATTLIGEIASYFTHWTGSLRFSFMFCGTANTTLKVLLAYTPPGIGKPRSRKEAMLGTHVVWDVGLQ
STVSLVVPWISASQYRFTTPDTYSSAGYITCWYQTNFVVPPNTPNTAEMLCFVSGCKDFCLRMARDTDLHKQTGPITQ
;
3
4 'polypeptide(L)' GAQVSRQNVGTHSTQNMVSNGSSLNYFNINYFKDAASSGASRLDFSQDPSKFTDPVKDVLEKGIPTLQ 4
#
# COMPACT_ATOMS: atom_id res chain seq x y z
N ASN A 1 -23.20 25.47 -5.09
CA ASN A 1 -23.44 26.05 -6.45
C ASN A 1 -22.43 25.46 -7.45
N PRO A 2 -22.94 24.75 -8.48
CA PRO A 2 -22.08 24.11 -9.51
C PRO A 2 -21.10 25.10 -10.16
N VAL A 3 -21.47 26.38 -10.14
CA VAL A 3 -20.60 27.40 -10.73
C VAL A 3 -19.43 27.69 -9.78
N GLU A 4 -19.75 27.79 -8.48
CA GLU A 4 -18.71 28.03 -7.48
C GLU A 4 -17.75 26.81 -7.52
N ARG A 5 -18.36 25.62 -7.56
CA ARG A 5 -17.61 24.37 -7.61
C ARG A 5 -16.74 24.37 -8.87
N TYR A 6 -17.30 24.92 -9.94
CA TYR A 6 -16.57 24.98 -11.20
C TYR A 6 -15.30 25.86 -11.04
N VAL A 7 -15.48 27.00 -10.39
CA VAL A 7 -14.36 27.91 -10.16
C VAL A 7 -13.25 27.18 -9.38
N ASP A 8 -13.67 26.40 -8.37
CA ASP A 8 -12.73 25.64 -7.56
C ASP A 8 -11.95 24.66 -8.44
N GLU A 9 -12.65 24.06 -9.41
CA GLU A 9 -12.00 23.12 -10.32
C GLU A 9 -10.90 23.87 -11.09
N VAL A 10 -11.28 24.97 -11.72
CA VAL A 10 -10.35 25.78 -12.50
C VAL A 10 -9.13 26.25 -11.69
N LEU A 11 -9.37 26.59 -10.43
CA LEU A 11 -8.29 27.08 -9.57
C LEU A 11 -7.60 25.96 -8.79
N ASN A 12 -8.21 24.77 -8.82
CA ASN A 12 -7.69 23.61 -8.11
C ASN A 12 -7.67 23.89 -6.62
N GLU A 13 -8.82 24.34 -6.12
CA GLU A 13 -8.95 24.66 -4.69
C GLU A 13 -10.15 23.94 -4.07
N VAL A 14 -10.41 22.72 -4.55
CA VAL A 14 -11.52 21.93 -4.02
C VAL A 14 -11.26 21.44 -2.58
N LEU A 15 -10.04 20.98 -2.31
CA LEU A 15 -9.67 20.48 -0.98
C LEU A 15 -8.61 21.37 -0.35
N VAL A 16 -9.03 22.23 0.57
CA VAL A 16 -8.09 23.15 1.22
C VAL A 16 -7.53 22.60 2.53
N VAL A 17 -6.28 22.92 2.85
CA VAL A 17 -5.71 22.44 4.09
C VAL A 17 -6.04 23.45 5.19
N PRO A 18 -6.23 22.96 6.42
CA PRO A 18 -6.55 23.86 7.54
C PRO A 18 -5.45 24.86 7.90
N ASN A 19 -5.86 25.94 8.55
CA ASN A 19 -4.94 26.99 9.00
C ASN A 19 -4.22 26.57 10.27
N ILE A 20 -3.20 27.33 10.61
CA ILE A 20 -2.47 27.10 11.85
C ILE A 20 -2.98 28.24 12.72
N ASN A 21 -3.39 27.92 13.94
CA ASN A 21 -3.91 28.93 14.85
C ASN A 21 -2.86 29.34 15.86
N GLN A 22 -3.01 30.53 16.39
CA GLN A 22 -2.07 31.01 17.38
C GLN A 22 -2.23 30.20 18.66
N SER A 23 -1.12 29.82 19.29
CA SER A 23 -1.20 29.07 20.53
C SER A 23 -0.44 29.84 21.58
N HIS A 24 -0.53 29.38 22.82
CA HIS A 24 0.12 30.05 23.94
C HIS A 24 0.84 29.10 24.89
N PRO A 25 1.62 29.65 25.83
CA PRO A 25 2.33 28.79 26.79
C PRO A 25 1.32 28.04 27.61
N THR A 26 1.64 26.82 28.01
CA THR A 26 0.71 26.03 28.83
C THR A 26 1.46 25.31 29.95
N THR A 27 0.70 25.03 31.01
CA THR A 27 1.17 24.32 32.17
C THR A 27 -0.05 23.52 32.58
N SER A 28 -0.10 22.28 32.12
CA SER A 28 -1.25 21.42 32.38
C SER A 28 -0.89 19.96 32.67
N ASN A 29 -1.85 19.22 33.24
CA ASN A 29 -1.64 17.81 33.54
C ASN A 29 -2.25 16.98 32.39
N ALA A 30 -2.51 17.66 31.28
CA ALA A 30 -3.02 17.03 30.07
C ALA A 30 -1.82 17.13 29.14
N ALA A 31 -1.22 15.98 28.81
CA ALA A 31 -0.03 15.98 27.95
C ALA A 31 -0.30 15.33 26.60
N PRO A 32 -0.72 16.15 25.61
CA PRO A 32 -1.00 15.65 24.27
C PRO A 32 0.19 14.92 23.63
N VAL A 33 1.42 15.39 23.90
CA VAL A 33 2.60 14.76 23.31
C VAL A 33 2.79 13.32 23.75
N LEU A 34 2.24 12.95 24.90
CA LEU A 34 2.36 11.57 25.40
C LEU A 34 1.18 10.74 24.93
N ASP A 35 1.45 9.52 24.47
CA ASP A 35 0.42 8.64 23.98
C ASP A 35 0.93 7.19 24.00
N ALA A 36 0.25 6.29 23.29
CA ALA A 36 0.67 4.89 23.24
C ALA A 36 0.48 4.30 21.84
N ALA A 37 1.58 4.17 21.10
CA ALA A 37 1.52 3.63 19.75
C ALA A 37 1.02 2.19 19.72
N GLU A 38 1.02 1.51 20.86
CA GLU A 38 0.57 0.13 20.94
C GLU A 38 -0.85 -0.02 20.42
N THR A 39 -1.66 1.01 20.66
CA THR A 39 -3.06 1.05 20.25
C THR A 39 -3.26 0.88 18.74
N GLY A 40 -2.22 1.17 17.97
CA GLY A 40 -2.32 1.07 16.53
C GLY A 40 -2.86 2.35 15.92
N HIS A 41 -2.95 3.40 16.72
CA HIS A 41 -3.45 4.70 16.26
C HIS A 41 -2.33 5.73 16.24
N THR A 42 -2.42 6.69 15.33
CA THR A 42 -1.41 7.74 15.23
C THR A 42 -1.83 8.89 16.15
N ASN A 43 -0.90 9.37 16.97
CA ASN A 43 -1.19 10.46 17.89
C ASN A 43 -1.52 11.67 17.01
N LYS A 44 -2.71 12.25 17.19
CA LYS A 44 -3.11 13.37 16.37
C LYS A 44 -2.62 14.75 16.79
N ILE A 45 -1.52 14.80 17.53
CA ILE A 45 -0.96 16.06 17.98
C ILE A 45 -0.64 16.96 16.78
N GLN A 46 -0.84 18.27 16.95
CA GLN A 46 -0.57 19.24 15.89
C GLN A 46 0.45 20.25 16.40
N PRO A 47 1.05 21.04 15.50
CA PRO A 47 2.05 22.03 15.94
C PRO A 47 1.62 22.95 17.08
N GLU A 48 0.36 23.38 17.08
CA GLU A 48 -0.10 24.27 18.13
C GLU A 48 0.02 23.68 19.53
N ASP A 49 0.09 22.36 19.61
CA ASP A 49 0.21 21.65 20.88
C ASP A 49 1.60 21.57 21.49
N THR A 50 2.65 21.71 20.68
CA THR A 50 4.01 21.59 21.19
C THR A 50 4.85 22.86 21.19
N ILE A 51 4.42 23.88 20.48
CA ILE A 51 5.16 25.15 20.45
C ILE A 51 4.16 26.30 20.39
N GLU A 52 4.64 27.52 20.57
CA GLU A 52 3.78 28.69 20.49
C GLU A 52 3.74 29.13 19.04
N THR A 53 2.65 28.82 18.35
CA THR A 53 2.49 29.18 16.96
C THR A 53 1.83 30.54 16.76
N ARG A 54 1.92 31.05 15.54
CA ARG A 54 1.30 32.30 15.16
C ARG A 54 0.14 31.87 14.29
N TYR A 55 -0.74 32.79 13.98
CA TYR A 55 -1.86 32.47 13.12
C TYR A 55 -1.36 32.57 11.67
N VAL A 56 -1.67 31.57 10.85
CA VAL A 56 -1.25 31.58 9.45
C VAL A 56 -2.40 31.04 8.59
N GLN A 57 -2.73 31.76 7.53
CA GLN A 57 -3.80 31.37 6.62
C GLN A 57 -3.27 30.44 5.54
N SER A 58 -3.74 29.21 5.54
CA SER A 58 -3.30 28.23 4.56
C SER A 58 -3.97 28.43 3.19
N SER A 59 -3.19 28.25 2.13
CA SER A 59 -3.69 28.39 0.76
C SER A 59 -3.31 27.16 -0.05
N GLN A 60 -2.88 26.11 0.62
CA GLN A 60 -2.49 24.89 -0.06
C GLN A 60 -3.72 24.04 -0.29
N THR A 61 -3.74 23.28 -1.39
CA THR A 61 -4.86 22.40 -1.66
C THR A 61 -4.36 20.98 -1.89
N LEU A 62 -5.23 20.01 -1.61
CA LEU A 62 -4.88 18.61 -1.73
C LEU A 62 -5.40 17.96 -3.01
N ASP A 63 -5.97 18.77 -3.90
CA ASP A 63 -6.52 18.26 -5.16
C ASP A 63 -5.56 17.35 -5.91
N GLU A 64 -4.34 17.81 -6.11
CA GLU A 64 -3.34 17.04 -6.84
C GLU A 64 -2.98 15.72 -6.18
N MET A 65 -3.26 15.58 -4.89
CA MET A 65 -2.96 14.36 -4.16
C MET A 65 -4.12 13.39 -4.18
N SER A 66 -5.18 13.70 -4.92
CA SER A 66 -6.34 12.83 -5.00
C SER A 66 -5.98 11.56 -5.76
N VAL A 67 -6.74 10.50 -5.52
CA VAL A 67 -6.47 9.24 -6.18
C VAL A 67 -6.69 9.43 -7.69
N GLU A 68 -7.67 10.24 -8.07
CA GLU A 68 -7.95 10.50 -9.47
C GLU A 68 -6.71 11.09 -10.14
N SER A 69 -6.07 12.04 -9.46
CA SER A 69 -4.88 12.68 -9.98
C SER A 69 -3.68 11.76 -9.99
N PHE A 70 -3.49 11.04 -8.90
CA PHE A 70 -2.36 10.12 -8.78
C PHE A 70 -2.33 9.08 -9.89
N LEU A 71 -3.48 8.46 -10.17
CA LEU A 71 -3.55 7.43 -11.20
C LEU A 71 -4.05 7.95 -12.55
N GLY A 72 -4.44 9.22 -12.60
CA GLY A 72 -4.96 9.78 -13.83
C GLY A 72 -3.96 10.38 -14.79
N ARG A 73 -2.82 9.72 -14.93
CA ARG A 73 -1.78 10.17 -15.85
C ARG A 73 -1.43 9.01 -16.75
N SER A 74 -1.42 9.28 -18.05
CA SER A 74 -1.14 8.28 -19.06
C SER A 74 0.32 7.83 -19.09
N GLY A 75 0.54 6.54 -18.88
CA GLY A 75 1.89 6.00 -18.88
C GLY A 75 1.97 4.79 -19.79
N CYS A 76 3.17 4.48 -20.29
CA CYS A 76 3.34 3.35 -21.19
C CYS A 76 3.16 2.01 -20.49
N ILE A 77 2.40 1.10 -21.10
CA ILE A 77 2.19 -0.21 -20.51
C ILE A 77 2.62 -1.36 -21.41
N HIS A 78 2.99 -1.06 -22.65
CA HIS A 78 3.40 -2.09 -23.59
C HIS A 78 4.04 -1.48 -24.84
N GLU A 79 5.05 -2.17 -25.37
CA GLU A 79 5.71 -1.73 -26.59
C GLU A 79 5.59 -2.90 -27.55
N SER A 80 4.73 -2.75 -28.54
CA SER A 80 4.48 -3.79 -29.54
C SER A 80 5.41 -3.58 -30.72
N VAL A 81 6.10 -4.64 -31.11
CA VAL A 81 7.03 -4.56 -32.23
C VAL A 81 6.66 -5.46 -33.38
N LEU A 82 6.64 -4.91 -34.60
CA LEU A 82 6.35 -5.66 -35.79
C LEU A 82 7.56 -5.33 -36.64
N ASP A 83 8.52 -6.25 -36.69
CA ASP A 83 9.75 -6.04 -37.44
C ASP A 83 9.79 -6.94 -38.66
N ILE A 84 9.64 -6.36 -39.84
CA ILE A 84 9.67 -7.14 -41.08
C ILE A 84 11.13 -7.45 -41.41
N VAL A 85 11.51 -8.71 -41.25
CA VAL A 85 12.89 -9.11 -41.54
C VAL A 85 13.01 -9.88 -42.84
N ASP A 86 12.44 -11.09 -42.87
CA ASP A 86 12.52 -11.92 -44.06
C ASP A 86 11.23 -12.61 -44.45
N ASN A 87 10.19 -12.52 -43.62
CA ASN A 87 8.92 -13.15 -43.94
C ASN A 87 7.75 -12.23 -43.56
N TYR A 88 7.19 -11.55 -44.55
CA TYR A 88 6.10 -10.64 -44.29
C TYR A 88 4.87 -11.30 -43.68
N ASN A 89 4.44 -12.42 -44.23
CA ASN A 89 3.26 -13.09 -43.69
C ASN A 89 3.36 -13.44 -42.22
N ASP A 90 4.54 -13.85 -41.77
CA ASP A 90 4.70 -14.21 -40.38
C ASP A 90 5.02 -13.03 -39.49
N GLN A 91 5.78 -12.08 -40.02
CA GLN A 91 6.18 -10.95 -39.22
C GLN A 91 5.29 -9.70 -39.24
N SER A 92 4.23 -9.70 -40.06
CA SER A 92 3.37 -8.54 -40.13
C SER A 92 2.20 -8.49 -39.14
N PHE A 93 2.17 -9.42 -38.19
CA PHE A 93 1.11 -9.42 -37.18
C PHE A 93 1.62 -10.04 -35.88
N THR A 94 0.96 -9.75 -34.78
CA THR A 94 1.38 -10.26 -33.49
C THR A 94 0.23 -10.20 -32.49
N LYS A 95 0.47 -10.65 -31.26
CA LYS A 95 -0.56 -10.63 -30.23
C LYS A 95 0.07 -10.44 -28.87
N TRP A 96 -0.69 -9.90 -27.93
CA TRP A 96 -0.20 -9.66 -26.59
C TRP A 96 -1.28 -10.02 -25.59
N ASN A 97 -0.90 -10.67 -24.50
CA ASN A 97 -1.85 -11.03 -23.47
C ASN A 97 -1.85 -9.82 -22.56
N ILE A 98 -2.90 -9.02 -22.66
CA ILE A 98 -3.07 -7.78 -21.93
C ILE A 98 -2.90 -7.84 -20.42
N ASN A 99 -2.18 -6.86 -19.88
CA ASN A 99 -1.95 -6.75 -18.44
C ASN A 99 -1.27 -5.41 -18.15
N LEU A 100 -1.34 -4.96 -16.89
CA LEU A 100 -0.72 -3.70 -16.48
C LEU A 100 0.45 -3.99 -15.57
N GLN A 101 1.10 -5.13 -15.78
CA GLN A 101 2.22 -5.55 -14.94
C GLN A 101 3.60 -5.48 -15.58
N GLU A 102 3.68 -5.21 -16.88
CA GLU A 102 4.96 -5.20 -17.56
C GLU A 102 5.83 -3.95 -17.45
N MET A 103 5.25 -2.83 -17.02
CA MET A 103 6.04 -1.60 -16.87
C MET A 103 5.99 -1.14 -15.42
N ALA A 104 7.16 -1.09 -14.80
CA ALA A 104 7.29 -0.72 -13.40
C ALA A 104 6.63 0.58 -12.96
N GLN A 105 6.81 1.66 -13.70
CA GLN A 105 6.25 2.94 -13.29
C GLN A 105 4.77 2.97 -12.97
N ILE A 106 3.90 2.53 -13.87
CA ILE A 106 2.48 2.57 -13.52
C ILE A 106 2.11 1.40 -12.62
N ARG A 107 2.76 0.25 -12.80
CA ARG A 107 2.46 -0.90 -11.97
C ARG A 107 2.61 -0.56 -10.48
N ARG A 108 3.74 0.03 -10.10
CA ARG A 108 3.98 0.37 -8.71
C ARG A 108 2.93 1.29 -8.11
N LYS A 109 2.41 2.21 -8.90
CA LYS A 109 1.40 3.14 -8.40
C LYS A 109 0.07 2.44 -8.13
N PHE A 110 -0.39 1.61 -9.06
CA PHE A 110 -1.64 0.91 -8.84
C PHE A 110 -1.52 -0.05 -7.67
N GLU A 111 -0.35 -0.66 -7.53
CA GLU A 111 -0.15 -1.63 -6.47
C GLU A 111 0.00 -1.05 -5.08
N MET A 112 -0.25 0.24 -4.94
CA MET A 112 -0.18 0.87 -3.63
C MET A 112 -1.58 0.73 -3.02
N PHE A 113 -2.45 0.02 -3.74
CA PHE A 113 -3.81 -0.21 -3.31
C PHE A 113 -4.10 -1.70 -3.49
N THR A 114 -5.04 -2.25 -2.73
CA THR A 114 -5.38 -3.66 -2.84
C THR A 114 -6.40 -3.91 -3.93
N TYR A 115 -7.40 -3.03 -4.00
CA TYR A 115 -8.45 -3.14 -5.01
C TYR A 115 -8.61 -1.78 -5.64
N ALA A 116 -8.90 -1.75 -6.93
CA ALA A 116 -9.10 -0.49 -7.61
C ALA A 116 -10.16 -0.69 -8.67
N ARG A 117 -10.99 0.34 -8.87
CA ARG A 117 -12.04 0.29 -9.86
C ARG A 117 -11.87 1.55 -10.70
N PHE A 118 -11.82 1.40 -12.02
CA PHE A 118 -11.64 2.55 -12.89
C PHE A 118 -11.96 2.25 -14.33
N ASP A 119 -12.14 3.30 -15.11
CA ASP A 119 -12.40 3.17 -16.53
C ASP A 119 -11.03 3.44 -17.14
N SER A 120 -10.80 2.98 -18.36
CA SER A 120 -9.50 3.17 -18.97
C SER A 120 -9.50 4.01 -20.24
N GLU A 121 -8.44 4.78 -20.42
CA GLU A 121 -8.28 5.56 -21.63
C GLU A 121 -6.99 5.01 -22.22
N ILE A 122 -7.07 4.54 -23.47
CA ILE A 122 -5.92 4.00 -24.15
C ILE A 122 -5.52 4.92 -25.30
N THR A 123 -4.25 5.26 -25.36
CA THR A 123 -3.74 6.10 -26.44
C THR A 123 -2.57 5.32 -27.03
N MET A 124 -2.52 5.22 -28.35
CA MET A 124 -1.45 4.49 -29.01
C MET A 124 -0.54 5.41 -29.79
N VAL A 125 0.75 5.16 -29.72
CA VAL A 125 1.74 5.96 -30.42
C VAL A 125 2.56 5.07 -31.35
N PRO A 126 2.12 4.93 -32.61
CA PRO A 126 2.83 4.10 -33.59
C PRO A 126 3.96 4.89 -34.28
N SER A 127 5.12 4.26 -34.42
CA SER A 127 6.22 4.91 -35.12
C SER A 127 6.76 3.88 -36.10
N VAL A 128 6.81 4.28 -37.37
CA VAL A 128 7.28 3.42 -38.45
C VAL A 128 8.72 3.75 -38.84
N ALA A 129 9.62 2.81 -38.59
CA ALA A 129 11.03 3.00 -38.94
C ALA A 129 11.27 2.50 -40.35
N ALA A 130 11.75 3.38 -41.22
CA ALA A 130 12.04 3.01 -42.60
C ALA A 130 13.42 2.33 -42.65
N LYS A 131 13.42 1.01 -42.55
CA LYS A 131 14.65 0.25 -42.54
C LYS A 131 15.36 0.28 -43.90
N ASP A 132 14.58 0.26 -44.98
CA ASP A 132 15.13 0.27 -46.33
C ASP A 132 14.99 1.61 -47.04
N GLY A 133 14.41 2.61 -46.39
CA GLY A 133 14.29 3.90 -47.06
C GLY A 133 12.92 4.55 -47.15
N HIS A 134 11.94 3.88 -47.76
CA HIS A 134 10.60 4.46 -47.85
C HIS A 134 9.66 3.70 -46.89
N ILE A 135 8.52 4.29 -46.55
CA ILE A 135 7.57 3.60 -45.66
C ILE A 135 6.24 3.30 -46.38
N GLY A 136 6.04 3.89 -47.55
CA GLY A 136 4.82 3.63 -48.29
C GLY A 136 3.58 4.12 -47.56
N HIS A 137 2.52 3.33 -47.63
CA HIS A 137 1.28 3.70 -46.96
C HIS A 137 0.96 2.69 -45.89
N ILE A 138 1.29 3.01 -44.64
CA ILE A 138 1.06 2.10 -43.53
C ILE A 138 -0.30 2.29 -42.87
N VAL A 139 -1.08 1.22 -42.82
CA VAL A 139 -2.39 1.22 -42.19
C VAL A 139 -2.34 0.09 -41.17
N MET A 140 -2.64 0.39 -39.91
CA MET A 140 -2.60 -0.60 -38.83
C MET A 140 -3.99 -1.01 -38.34
N GLN A 141 -4.09 -2.22 -37.82
CA GLN A 141 -5.34 -2.71 -37.25
C GLN A 141 -5.04 -3.28 -35.88
N TYR A 142 -5.71 -2.77 -34.86
CA TYR A 142 -5.55 -3.23 -33.51
C TYR A 142 -6.89 -3.82 -33.13
N MET A 143 -6.95 -5.14 -32.97
CA MET A 143 -8.20 -5.80 -32.63
C MET A 143 -8.18 -6.36 -31.21
N TYR A 144 -9.22 -6.06 -30.45
CA TYR A 144 -9.31 -6.57 -29.08
C TYR A 144 -10.05 -7.89 -29.12
N VAL A 145 -9.37 -8.94 -28.71
CA VAL A 145 -9.95 -10.27 -28.70
C VAL A 145 -10.24 -10.70 -27.27
N PRO A 146 -11.50 -10.54 -26.83
CA PRO A 146 -11.89 -10.93 -25.46
C PRO A 146 -11.64 -12.42 -25.26
N PRO A 147 -11.38 -12.84 -24.02
CA PRO A 147 -11.15 -14.26 -23.78
C PRO A 147 -12.27 -15.14 -24.36
N GLY A 148 -11.90 -16.05 -25.24
CA GLY A 148 -12.87 -16.94 -25.85
C GLY A 148 -12.99 -16.75 -27.35
N ALA A 149 -12.85 -15.50 -27.80
CA ALA A 149 -12.95 -15.21 -29.22
C ALA A 149 -11.76 -15.84 -29.93
N PRO A 150 -11.93 -16.23 -31.21
CA PRO A 150 -10.84 -16.83 -31.98
C PRO A 150 -9.65 -15.91 -32.20
N ILE A 151 -8.46 -16.38 -31.87
CA ILE A 151 -7.25 -15.59 -32.08
C ILE A 151 -6.71 -15.89 -33.49
N PRO A 152 -6.45 -14.85 -34.28
CA PRO A 152 -5.95 -15.05 -35.64
C PRO A 152 -4.58 -15.73 -35.64
N THR A 153 -4.39 -16.70 -36.54
CA THR A 153 -3.11 -17.39 -36.61
C THR A 153 -2.31 -17.01 -37.85
N THR A 154 -2.90 -16.22 -38.74
CA THR A 154 -2.22 -15.75 -39.96
C THR A 154 -2.63 -14.31 -40.20
N ARG A 155 -1.89 -13.59 -41.04
CA ARG A 155 -2.23 -12.20 -41.29
C ARG A 155 -3.53 -12.01 -42.07
N ASP A 156 -4.07 -13.09 -42.63
CA ASP A 156 -5.32 -12.99 -43.38
C ASP A 156 -6.41 -13.87 -42.77
N ASP A 157 -6.21 -14.25 -41.53
CA ASP A 157 -7.16 -15.06 -40.79
C ASP A 157 -8.56 -14.41 -40.84
N TYR A 158 -9.60 -15.24 -40.89
CA TYR A 158 -10.95 -14.70 -40.94
C TYR A 158 -11.30 -13.86 -39.70
N ALA A 159 -10.63 -14.15 -38.58
CA ALA A 159 -10.89 -13.42 -37.35
C ALA A 159 -10.66 -11.91 -37.53
N TRP A 160 -9.80 -11.54 -38.48
CA TRP A 160 -9.51 -10.13 -38.71
C TRP A 160 -10.73 -9.38 -39.24
N GLN A 161 -11.76 -10.11 -39.69
CA GLN A 161 -12.98 -9.48 -40.19
C GLN A 161 -13.60 -8.59 -39.13
N SER A 162 -13.34 -8.93 -37.86
CA SER A 162 -13.85 -8.17 -36.71
C SER A 162 -15.36 -7.93 -36.78
N GLY A 163 -16.10 -8.99 -37.09
CA GLY A 163 -17.54 -8.87 -37.19
C GLY A 163 -18.22 -8.46 -35.91
N THR A 164 -17.54 -8.68 -34.78
CA THR A 164 -18.11 -8.30 -33.49
C THR A 164 -17.09 -7.65 -32.57
N ASN A 165 -15.84 -8.09 -32.64
CA ASN A 165 -14.79 -7.53 -31.79
C ASN A 165 -14.54 -6.08 -32.16
N ALA A 166 -14.02 -5.31 -31.21
CA ALA A 166 -13.71 -3.92 -31.48
C ALA A 166 -12.33 -3.82 -32.10
N SER A 167 -12.24 -3.17 -33.25
CA SER A 167 -10.97 -2.97 -33.94
C SER A 167 -10.80 -1.48 -34.16
N VAL A 168 -9.54 -1.03 -34.16
CA VAL A 168 -9.23 0.36 -34.39
C VAL A 168 -8.26 0.37 -35.56
N PHE A 169 -8.58 1.11 -36.61
CA PHE A 169 -7.70 1.20 -37.76
C PHE A 169 -7.03 2.57 -37.74
N TRP A 170 -5.72 2.58 -37.93
CA TRP A 170 -4.97 3.82 -37.94
C TRP A 170 -4.24 3.93 -39.27
N GLN A 171 -4.23 5.14 -39.83
CA GLN A 171 -3.58 5.39 -41.09
C GLN A 171 -2.39 6.29 -40.76
N HIS A 172 -1.21 5.90 -41.21
CA HIS A 172 -0.01 6.67 -40.95
C HIS A 172 -0.23 8.12 -41.41
N GLY A 173 0.10 9.06 -40.52
CA GLY A 173 -0.09 10.46 -40.85
C GLY A 173 -1.26 11.06 -40.08
N GLN A 174 -2.22 10.22 -39.68
CA GLN A 174 -3.37 10.69 -38.92
C GLN A 174 -3.00 10.75 -37.44
N PRO A 175 -3.72 11.56 -36.65
CA PRO A 175 -3.42 11.67 -35.23
C PRO A 175 -3.50 10.33 -34.48
N PHE A 176 -2.80 10.28 -33.35
CA PHE A 176 -2.76 9.10 -32.51
C PHE A 176 -4.12 8.56 -32.11
N PRO A 177 -4.35 7.25 -32.32
CA PRO A 177 -5.65 6.67 -31.96
C PRO A 177 -5.87 6.72 -30.44
N ARG A 178 -7.12 6.78 -30.03
CA ARG A 178 -7.47 6.82 -28.62
C ARG A 178 -8.93 6.45 -28.42
N PHE A 179 -9.19 5.65 -27.39
CA PHE A 179 -10.54 5.22 -27.08
C PHE A 179 -10.64 4.92 -25.60
N SER A 180 -11.87 4.81 -25.10
CA SER A 180 -12.11 4.52 -23.69
C SER A 180 -12.69 3.13 -23.50
N LEU A 181 -12.47 2.57 -22.31
CA LEU A 181 -12.96 1.25 -21.97
C LEU A 181 -13.59 1.26 -20.60
N PRO A 182 -14.84 0.81 -20.48
CA PRO A 182 -15.52 0.78 -19.18
C PRO A 182 -14.85 -0.24 -18.25
N PHE A 183 -15.13 -0.17 -16.95
CA PHE A 183 -14.61 -1.12 -15.98
C PHE A 183 -15.00 -2.51 -16.50
N LEU A 184 -13.98 -3.32 -16.80
CA LEU A 184 -14.15 -4.64 -17.37
C LEU A 184 -14.30 -5.87 -16.50
N SER A 185 -13.96 -5.80 -15.23
CA SER A 185 -14.05 -6.97 -14.37
C SER A 185 -15.41 -7.60 -14.20
N ILE A 186 -15.40 -8.88 -13.86
CA ILE A 186 -16.63 -9.65 -13.63
C ILE A 186 -16.98 -9.50 -12.15
N ALA A 187 -16.05 -8.90 -11.40
CA ALA A 187 -16.19 -8.63 -9.97
C ALA A 187 -16.49 -7.13 -9.83
N SER A 188 -16.56 -6.63 -8.61
CA SER A 188 -16.86 -5.22 -8.38
C SER A 188 -15.65 -4.32 -8.43
N ALA A 189 -14.47 -4.91 -8.35
CA ALA A 189 -13.23 -4.14 -8.41
C ALA A 189 -12.14 -5.05 -8.95
N TYR A 190 -11.07 -4.46 -9.48
CA TYR A 190 -9.94 -5.23 -9.98
C TYR A 190 -9.10 -5.64 -8.78
N TYR A 191 -8.52 -6.83 -8.82
CA TYR A 191 -7.67 -7.29 -7.73
C TYR A 191 -6.25 -6.85 -8.05
N MET A 192 -5.61 -6.09 -7.17
CA MET A 192 -4.22 -5.70 -7.41
C MET A 192 -3.37 -6.82 -6.81
N PHE A 193 -3.91 -7.47 -5.79
CA PHE A 193 -3.27 -8.59 -5.13
C PHE A 193 -4.37 -9.61 -4.87
N TYR A 194 -4.01 -10.89 -4.86
CA TYR A 194 -4.99 -11.95 -4.65
C TYR A 194 -4.32 -13.14 -3.97
N ASP A 195 -4.59 -13.32 -2.69
CA ASP A 195 -4.03 -14.41 -1.94
C ASP A 195 -4.93 -15.63 -2.11
N GLY A 196 -4.99 -16.13 -3.35
CA GLY A 196 -5.84 -17.27 -3.65
C GLY A 196 -5.36 -18.07 -4.83
N TYR A 197 -6.01 -19.22 -5.07
CA TYR A 197 -5.66 -20.12 -6.16
C TYR A 197 -6.88 -20.45 -7.00
N ASP A 198 -6.67 -21.03 -8.18
CA ASP A 198 -7.79 -21.41 -9.01
C ASP A 198 -8.18 -22.87 -8.77
N GLY A 199 -7.72 -23.42 -7.64
CA GLY A 199 -8.01 -24.79 -7.28
C GLY A 199 -7.41 -25.10 -5.93
N ASP A 200 -7.44 -26.36 -5.50
CA ASP A 200 -6.88 -26.72 -4.20
C ASP A 200 -5.81 -27.81 -4.26
N THR A 201 -5.10 -27.87 -5.37
CA THR A 201 -4.04 -28.87 -5.53
C THR A 201 -2.66 -28.23 -5.62
N TYR A 202 -1.64 -29.06 -5.47
CA TYR A 202 -0.25 -28.58 -5.52
C TYR A 202 0.07 -27.86 -6.83
N LYS A 203 -0.68 -28.14 -7.88
CA LYS A 203 -0.42 -27.49 -9.16
C LYS A 203 -1.35 -26.32 -9.52
N SER A 204 -2.17 -25.87 -8.56
CA SER A 204 -3.08 -24.75 -8.81
C SER A 204 -2.27 -23.47 -8.92
N ARG A 205 -2.73 -22.53 -9.75
CA ARG A 205 -2.04 -21.25 -9.93
C ARG A 205 -2.34 -20.32 -8.76
N TYR A 206 -1.39 -19.45 -8.45
CA TYR A 206 -1.51 -18.52 -7.34
C TYR A 206 -1.42 -17.07 -7.80
N GLY A 207 -2.23 -16.20 -7.20
CA GLY A 207 -2.14 -14.79 -7.56
C GLY A 207 -3.12 -14.26 -8.57
N THR A 208 -2.91 -13.00 -8.94
CA THR A 208 -3.78 -12.32 -9.88
C THR A 208 -3.92 -12.91 -11.28
N VAL A 209 -3.07 -13.85 -11.65
CA VAL A 209 -3.22 -14.45 -12.97
C VAL A 209 -4.58 -15.17 -13.01
N VAL A 210 -5.01 -15.64 -11.84
CA VAL A 210 -6.26 -16.35 -11.72
C VAL A 210 -7.46 -15.45 -11.96
N THR A 211 -7.37 -14.21 -11.52
CA THR A 211 -8.48 -13.28 -11.64
C THR A 211 -8.40 -12.17 -12.68
N ASN A 212 -7.20 -11.81 -13.12
CA ASN A 212 -7.04 -10.71 -14.06
C ASN A 212 -6.82 -11.00 -15.53
N ASP A 213 -7.65 -11.84 -16.14
CA ASP A 213 -7.48 -12.10 -17.56
C ASP A 213 -8.28 -11.07 -18.37
N MET A 214 -7.56 -10.24 -19.14
CA MET A 214 -8.22 -9.24 -19.94
C MET A 214 -8.33 -9.61 -21.42
N GLY A 215 -7.82 -10.79 -21.79
CA GLY A 215 -7.90 -11.16 -23.17
C GLY A 215 -6.63 -10.86 -23.96
N THR A 216 -6.78 -10.72 -25.27
CA THR A 216 -5.64 -10.50 -26.14
C THR A 216 -5.74 -9.32 -27.11
N LEU A 217 -4.63 -8.61 -27.30
CA LEU A 217 -4.60 -7.51 -28.26
C LEU A 217 -3.86 -8.06 -29.48
N CYS A 218 -4.54 -8.14 -30.62
CA CYS A 218 -3.93 -8.65 -31.84
C CYS A 218 -3.73 -7.51 -32.81
N SER A 219 -2.50 -7.36 -33.30
CA SER A 219 -2.18 -6.28 -34.23
C SER A 219 -1.68 -6.82 -35.55
N ARG A 220 -1.83 -6.03 -36.60
CA ARG A 220 -1.34 -6.43 -37.92
C ARG A 220 -1.22 -5.21 -38.82
N ILE A 221 -0.29 -5.26 -39.76
CA ILE A 221 -0.12 -4.18 -40.71
C ILE A 221 -1.14 -4.57 -41.76
N VAL A 222 -2.15 -3.74 -41.97
CA VAL A 222 -3.19 -4.05 -42.93
C VAL A 222 -2.64 -4.06 -44.35
N THR A 223 -1.76 -3.10 -44.63
CA THR A 223 -1.12 -2.99 -45.94
C THR A 223 -0.47 -4.30 -46.35
N SER A 224 -0.60 -4.66 -47.63
CA SER A 224 0.02 -5.89 -48.10
C SER A 224 1.52 -5.66 -48.23
N GLU A 225 2.27 -6.73 -48.50
CA GLU A 225 3.72 -6.63 -48.60
C GLU A 225 4.23 -5.50 -49.52
N GLN A 226 5.24 -4.78 -49.04
CA GLN A 226 5.82 -3.68 -49.79
C GLN A 226 7.29 -4.00 -50.07
N LEU A 227 7.87 -3.30 -51.03
CA LEU A 227 9.26 -3.53 -51.38
C LEU A 227 10.14 -3.28 -50.18
N HIS A 228 10.04 -2.08 -49.63
CA HIS A 228 10.84 -1.69 -48.48
C HIS A 228 10.31 -2.18 -47.14
N LYS A 229 11.18 -2.85 -46.41
CA LYS A 229 10.84 -3.39 -45.10
C LYS A 229 10.76 -2.29 -44.06
N VAL A 230 9.86 -2.43 -43.10
CA VAL A 230 9.69 -1.44 -42.04
C VAL A 230 9.64 -2.12 -40.68
N LYS A 231 9.83 -1.32 -39.64
CA LYS A 231 9.74 -1.82 -38.28
C LYS A 231 8.74 -0.89 -37.58
N VAL A 232 7.55 -1.41 -37.31
CA VAL A 232 6.53 -0.63 -36.64
C VAL A 232 6.50 -0.93 -35.16
N VAL A 233 6.70 0.09 -34.34
CA VAL A 233 6.65 -0.10 -32.90
C VAL A 233 5.48 0.72 -32.39
N THR A 234 4.52 0.04 -31.77
CA THR A 234 3.36 0.72 -31.25
C THR A 234 3.41 0.73 -29.73
N ARG A 235 3.49 1.91 -29.15
CA ARG A 235 3.54 2.04 -27.71
C ARG A 235 2.13 2.33 -27.20
N ILE A 236 1.64 1.48 -26.30
CA ILE A 236 0.31 1.63 -25.72
C ILE A 236 0.41 2.40 -24.41
N TYR A 237 -0.37 3.47 -24.28
CA TYR A 237 -0.37 4.27 -23.06
C TYR A 237 -1.71 4.10 -22.37
N HIS A 238 -1.69 3.97 -21.05
CA HIS A 238 -2.92 3.77 -20.29
C HIS A 238 -3.10 4.78 -19.17
N LYS A 239 -4.33 5.26 -19.03
CA LYS A 239 -4.68 6.21 -17.99
C LYS A 239 -5.98 5.77 -17.32
N ALA A 240 -6.05 5.89 -15.99
CA ALA A 240 -7.25 5.52 -15.26
C ALA A 240 -8.16 6.76 -15.13
N LYS A 241 -9.46 6.57 -15.34
CA LYS A 241 -10.44 7.65 -15.25
C LYS A 241 -11.56 7.22 -14.34
N HIS A 242 -12.10 8.15 -13.55
CA HIS A 242 -13.21 7.84 -12.65
C HIS A 242 -12.81 6.71 -11.69
N THR A 243 -11.66 6.93 -11.03
CA THR A 243 -11.05 5.95 -10.14
C THR A 243 -11.49 5.88 -8.68
N LYS A 244 -11.43 4.66 -8.14
CA LYS A 244 -11.75 4.39 -6.74
C LYS A 244 -10.74 3.35 -6.28
N ALA A 245 -10.20 3.51 -5.08
CA ALA A 245 -9.21 2.58 -4.57
C ALA A 245 -9.50 2.20 -3.12
N TRP A 246 -9.18 0.96 -2.76
CA TRP A 246 -9.41 0.47 -1.42
C TRP A 246 -8.18 -0.20 -0.79
N CYS A 247 -8.05 -0.06 0.53
CA CYS A 247 -6.97 -0.66 1.31
C CYS A 247 -5.58 -0.39 0.80
N PRO A 248 -5.00 0.76 1.18
CA PRO A 248 -3.66 1.12 0.74
C PRO A 248 -2.62 0.17 1.30
N ARG A 249 -1.51 0.02 0.60
CA ARG A 249 -0.48 -0.86 1.10
C ARG A 249 0.92 -0.28 0.85
N PRO A 250 1.97 -0.92 1.42
CA PRO A 250 3.34 -0.44 1.24
C PRO A 250 3.77 -0.45 -0.23
N PRO A 251 4.61 0.51 -0.62
CA PRO A 251 5.07 0.56 -2.02
C PRO A 251 6.10 -0.54 -2.27
N ARG A 252 6.15 -1.03 -3.51
CA ARG A 252 7.13 -2.06 -3.88
C ARG A 252 8.53 -1.52 -3.55
N ALA A 253 9.27 -2.27 -2.73
CA ALA A 253 10.61 -1.86 -2.29
C ALA A 253 11.77 -2.41 -3.13
N VAL A 254 11.53 -3.53 -3.82
CA VAL A 254 12.55 -4.16 -4.67
C VAL A 254 12.04 -4.23 -6.10
N GLN A 255 12.93 -4.45 -7.05
CA GLN A 255 12.52 -4.53 -8.44
C GLN A 255 11.52 -5.65 -8.70
N TYR A 256 10.76 -5.50 -9.78
CA TYR A 256 9.78 -6.49 -10.16
C TYR A 256 10.53 -7.50 -11.00
N SER A 257 10.13 -8.76 -10.97
CA SER A 257 10.81 -9.74 -11.80
C SER A 257 9.82 -10.31 -12.82
N HIS A 258 8.60 -10.58 -12.39
CA HIS A 258 7.60 -11.11 -13.31
C HIS A 258 6.21 -10.51 -13.15
N THR A 259 5.36 -10.79 -14.13
CA THR A 259 3.99 -10.29 -14.08
C THR A 259 3.15 -11.20 -13.21
N HIS A 260 2.08 -10.63 -12.64
CA HIS A 260 1.15 -11.36 -11.81
C HIS A 260 1.71 -12.01 -10.55
N THR A 261 2.91 -11.61 -10.13
CA THR A 261 3.50 -12.19 -8.94
C THR A 261 4.36 -11.18 -8.19
N THR A 262 4.43 -11.35 -6.88
CA THR A 262 5.19 -10.47 -6.02
C THR A 262 6.62 -10.95 -5.87
N ASN A 263 6.95 -12.05 -6.55
CA ASN A 263 8.29 -12.63 -6.50
C ASN A 263 9.38 -11.60 -6.71
N TYR A 264 10.54 -11.86 -6.12
CA TYR A 264 11.68 -10.97 -6.25
C TYR A 264 12.97 -11.76 -6.10
N LYS A 265 14.09 -11.11 -6.40
CA LYS A 265 15.38 -11.76 -6.24
C LYS A 265 16.23 -10.88 -5.35
N LEU A 266 17.07 -11.52 -4.53
CA LEU A 266 17.95 -10.79 -3.63
C LEU A 266 19.39 -11.18 -3.92
N SER A 267 20.29 -10.21 -3.85
CA SER A 267 21.70 -10.49 -4.09
C SER A 267 22.32 -10.83 -2.73
N SER A 268 23.62 -11.08 -2.73
CA SER A 268 24.31 -11.43 -1.48
C SER A 268 24.42 -10.16 -0.63
N GLU A 269 24.41 -9.00 -1.28
CA GLU A 269 24.48 -7.72 -0.56
C GLU A 269 23.14 -6.99 -0.69
N VAL A 270 22.16 -7.43 0.12
CA VAL A 270 20.82 -6.87 0.08
C VAL A 270 20.68 -5.36 0.08
N HIS A 271 21.64 -4.64 0.66
CA HIS A 271 21.51 -3.19 0.67
C HIS A 271 21.51 -2.62 -0.76
N ASN A 272 21.97 -3.42 -1.71
CA ASN A 272 22.00 -2.99 -3.12
C ASN A 272 20.63 -3.22 -3.76
N ASP A 273 19.82 -4.08 -3.16
CA ASP A 273 18.50 -4.40 -3.70
C ASP A 273 17.38 -3.45 -3.30
N VAL A 274 17.61 -2.64 -2.25
CA VAL A 274 16.60 -1.69 -1.80
C VAL A 274 17.13 -0.26 -1.92
N ALA A 275 16.23 0.72 -1.87
CA ALA A 275 16.62 2.11 -2.02
C ALA A 275 17.24 2.73 -0.77
N ILE A 276 17.31 1.97 0.31
CA ILE A 276 17.90 2.47 1.54
C ILE A 276 19.40 2.66 1.34
N ARG A 277 19.92 3.84 1.66
CA ARG A 277 21.36 4.10 1.56
C ARG A 277 21.94 3.88 2.94
N PRO A 278 22.93 2.98 3.04
CA PRO A 278 23.56 2.69 4.33
C PRO A 278 24.06 3.95 5.05
N ARG A 279 23.83 4.01 6.36
CA ARG A 279 24.28 5.15 7.14
C ARG A 279 25.65 4.79 7.71
N THR A 280 26.49 5.80 7.90
CA THR A 280 27.80 5.57 8.49
C THR A 280 27.58 5.10 9.93
N ASN A 281 26.65 5.77 10.62
CA ASN A 281 26.29 5.45 12.00
C ASN A 281 25.05 6.27 12.35
N LEU A 282 24.52 6.07 13.57
CA LEU A 282 23.32 6.75 14.01
C LEU A 282 23.36 8.27 14.05
N THR A 283 24.55 8.85 14.26
CA THR A 283 24.64 10.30 14.37
C THR A 283 25.19 11.04 13.16
N THR A 284 25.43 10.33 12.07
CA THR A 284 25.94 10.95 10.86
C THR A 284 24.75 11.27 9.95
N VAL A 285 24.43 12.55 9.84
CA VAL A 285 23.27 12.98 9.03
C VAL A 285 23.53 12.82 7.54
N SER B 10 -12.19 0.56 33.94
CA SER B 10 -10.78 0.95 33.55
C SER B 10 -10.59 0.78 32.01
N ASP B 11 -9.74 1.62 31.43
CA ASP B 11 -9.46 1.55 30.00
C ASP B 11 -8.39 0.45 29.71
N ARG B 12 -7.80 -0.12 30.77
CA ARG B 12 -6.80 -1.18 30.64
C ARG B 12 -7.44 -2.57 30.54
N ILE B 13 -8.71 -2.67 30.98
CA ILE B 13 -9.44 -3.93 30.98
C ILE B 13 -10.35 -4.14 29.76
N ILE B 14 -10.56 -5.41 29.40
CA ILE B 14 -11.45 -5.74 28.30
C ILE B 14 -12.07 -7.11 28.52
N GLN B 15 -13.30 -7.27 28.06
CA GLN B 15 -14.00 -8.54 28.13
C GLN B 15 -14.66 -8.66 26.77
N ILE B 16 -14.43 -9.77 26.09
CA ILE B 16 -15.01 -10.01 24.79
C ILE B 16 -15.78 -11.30 24.89
N THR B 17 -17.09 -11.24 24.67
CA THR B 17 -17.89 -12.43 24.71
C THR B 17 -18.40 -12.73 23.31
N ARG B 18 -18.21 -13.97 22.88
CA ARG B 18 -18.65 -14.42 21.56
C ARG B 18 -19.18 -15.83 21.75
N GLY B 19 -20.46 -16.04 21.48
CA GLY B 19 -21.03 -17.37 21.64
C GLY B 19 -20.91 -17.85 23.07
N ASP B 20 -20.26 -19.01 23.25
CA ASP B 20 -20.08 -19.57 24.58
C ASP B 20 -18.68 -19.27 25.14
N SER B 21 -17.99 -18.30 24.55
CA SER B 21 -16.65 -17.97 24.99
C SER B 21 -16.50 -16.53 25.44
N THR B 22 -15.76 -16.34 26.53
CA THR B 22 -15.50 -15.00 27.05
C THR B 22 -14.00 -14.92 27.30
N ILE B 23 -13.39 -13.86 26.78
CA ILE B 23 -11.96 -13.64 26.93
C ILE B 23 -11.70 -12.34 27.67
N THR B 24 -10.73 -12.37 28.59
CA THR B 24 -10.41 -11.16 29.35
C THR B 24 -8.93 -10.81 29.27
N SER B 25 -8.62 -9.58 29.61
CA SER B 25 -7.25 -9.08 29.64
C SER B 25 -7.32 -7.85 30.52
N GLN B 26 -6.40 -7.74 31.47
CA GLN B 26 -6.39 -6.61 32.38
C GLN B 26 -5.33 -5.58 31.96
N ASP B 27 -4.70 -5.82 30.83
CA ASP B 27 -3.68 -4.91 30.30
C ASP B 27 -3.78 -4.80 28.78
N VAL B 28 -4.74 -4.03 28.31
CA VAL B 28 -4.92 -3.86 26.88
C VAL B 28 -4.47 -2.48 26.42
N ALA B 29 -4.34 -2.34 25.11
CA ALA B 29 -3.94 -1.08 24.50
C ALA B 29 -5.08 -0.72 23.55
N ASN B 30 -6.30 -0.66 24.10
CA ASN B 30 -7.49 -0.36 23.32
C ASN B 30 -7.73 -1.51 22.33
N ALA B 31 -8.53 -1.26 21.30
CA ALA B 31 -8.81 -2.28 20.29
C ALA B 31 -8.86 -1.57 18.96
N VAL B 32 -8.62 -2.29 17.88
CA VAL B 32 -8.64 -1.69 16.56
C VAL B 32 -9.74 -2.33 15.74
N VAL B 33 -10.49 -1.51 15.03
CA VAL B 33 -11.52 -2.02 14.16
C VAL B 33 -11.01 -1.73 12.76
N GLY B 34 -10.58 -2.79 12.09
CA GLY B 34 -10.04 -2.65 10.75
C GLY B 34 -10.83 -1.78 9.82
N TYR B 35 -10.21 -0.71 9.34
CA TYR B 35 -10.82 0.23 8.40
C TYR B 35 -12.09 0.87 8.94
N GLY B 36 -12.26 0.84 10.25
CA GLY B 36 -13.41 1.44 10.88
C GLY B 36 -14.75 0.84 10.55
N VAL B 37 -14.77 -0.37 10.03
CA VAL B 37 -16.04 -1.00 9.68
C VAL B 37 -16.24 -2.25 10.52
N TRP B 38 -17.37 -2.31 11.22
CA TRP B 38 -17.68 -3.45 12.05
C TRP B 38 -18.26 -4.54 11.13
N PRO B 39 -17.90 -5.81 11.34
CA PRO B 39 -18.43 -6.87 10.50
C PRO B 39 -19.95 -6.93 10.49
N HIS B 40 -20.54 -7.30 9.35
CA HIS B 40 -21.99 -7.38 9.20
C HIS B 40 -22.39 -8.36 8.09
N TYR B 41 -23.62 -8.83 8.14
CA TYR B 41 -24.12 -9.76 7.15
C TYR B 41 -24.30 -9.10 5.80
N LEU B 42 -24.20 -9.91 4.75
CA LEU B 42 -24.36 -9.44 3.38
C LEU B 42 -25.77 -8.94 3.11
N THR B 43 -25.86 -7.73 2.55
CA THR B 43 -27.15 -7.11 2.24
C THR B 43 -27.61 -7.55 0.85
N PRO B 44 -28.93 -7.53 0.61
CA PRO B 44 -29.43 -7.93 -0.71
C PRO B 44 -28.94 -7.06 -1.87
N GLN B 45 -28.51 -5.82 -1.62
CA GLN B 45 -28.04 -5.00 -2.74
C GLN B 45 -26.66 -5.43 -3.21
N ASP B 46 -25.84 -5.94 -2.29
CA ASP B 46 -24.49 -6.38 -2.64
C ASP B 46 -24.39 -7.86 -2.97
N ALA B 47 -25.41 -8.64 -2.64
CA ALA B 47 -25.41 -10.07 -2.91
C ALA B 47 -25.44 -10.43 -4.39
N THR B 48 -25.01 -11.64 -4.70
CA THR B 48 -25.01 -12.15 -6.07
C THR B 48 -25.51 -13.59 -6.08
N ALA B 49 -25.00 -14.45 -5.19
CA ALA B 49 -25.45 -15.84 -5.12
C ALA B 49 -26.90 -15.75 -4.66
N ILE B 50 -27.81 -16.49 -5.32
CA ILE B 50 -29.23 -16.42 -4.97
C ILE B 50 -29.84 -17.38 -3.95
N ASP B 51 -29.09 -18.37 -3.46
CA ASP B 51 -29.68 -19.27 -2.49
C ASP B 51 -29.64 -18.65 -1.11
N LYS B 52 -30.54 -19.08 -0.25
CA LYS B 52 -30.59 -18.57 1.12
C LYS B 52 -29.37 -19.03 1.91
N PRO B 53 -28.64 -18.07 2.52
CA PRO B 53 -27.45 -18.37 3.32
C PRO B 53 -27.76 -19.09 4.62
N THR B 54 -26.80 -19.85 5.11
CA THR B 54 -26.97 -20.53 6.38
C THR B 54 -26.11 -19.68 7.32
N GLN B 55 -26.65 -19.35 8.48
CA GLN B 55 -25.93 -18.53 9.45
C GLN B 55 -25.93 -19.27 10.77
N PRO B 56 -24.87 -20.06 11.05
CA PRO B 56 -24.67 -20.87 12.25
C PRO B 56 -24.76 -20.11 13.56
N ASP B 57 -24.57 -18.80 13.49
CA ASP B 57 -24.61 -17.94 14.66
C ASP B 57 -23.66 -18.35 15.79
N THR B 58 -24.16 -18.56 17.00
CA THR B 58 -23.29 -18.90 18.12
C THR B 58 -22.41 -20.14 18.03
N SER B 59 -22.79 -21.11 17.19
CA SER B 59 -21.99 -22.31 17.09
C SER B 59 -20.74 -22.14 16.21
N SER B 60 -20.66 -21.04 15.46
CA SER B 60 -19.50 -20.79 14.62
C SER B 60 -18.84 -19.47 15.02
N ASN B 61 -19.64 -18.51 15.46
CA ASN B 61 -19.12 -17.22 15.85
C ASN B 61 -18.69 -17.24 17.32
N ARG B 62 -17.61 -17.96 17.59
CA ARG B 62 -17.07 -18.12 18.93
C ARG B 62 -15.55 -18.13 18.85
N PHE B 63 -14.87 -17.95 19.99
CA PHE B 63 -13.42 -17.95 19.99
C PHE B 63 -12.80 -19.34 19.85
N TYR B 64 -11.86 -19.45 18.93
CA TYR B 64 -11.14 -20.70 18.70
C TYR B 64 -9.68 -20.41 19.01
N THR B 65 -9.08 -21.17 19.91
CA THR B 65 -7.69 -20.92 20.27
C THR B 65 -6.77 -21.84 19.50
N LEU B 66 -5.82 -21.23 18.78
CA LEU B 66 -4.85 -21.94 17.96
C LEU B 66 -3.71 -22.48 18.80
N ASP B 67 -2.77 -23.17 18.16
CA ASP B 67 -1.60 -23.73 18.86
C ASP B 67 -0.71 -22.58 19.31
N SER B 68 -0.26 -22.65 20.56
CA SER B 68 0.61 -21.61 21.09
C SER B 68 2.00 -21.73 20.48
N LYS B 69 2.73 -20.62 20.46
CA LYS B 69 4.08 -20.61 19.92
C LYS B 69 5.00 -20.09 21.01
N MET B 70 6.29 -20.38 20.88
CA MET B 70 7.25 -19.92 21.87
C MET B 70 8.03 -18.76 21.31
N TRP B 71 8.11 -17.70 22.11
CA TRP B 71 8.83 -16.52 21.69
C TRP B 71 10.18 -16.54 22.38
N ASN B 72 11.25 -16.48 21.62
CA ASN B 72 12.57 -16.45 22.23
C ASN B 72 13.43 -15.42 21.53
N SER B 73 14.59 -15.12 22.12
CA SER B 73 15.50 -14.11 21.62
C SER B 73 15.81 -14.18 20.13
N THR B 74 15.63 -15.34 19.52
CA THR B 74 15.93 -15.46 18.09
C THR B 74 14.74 -15.55 17.15
N SER B 75 13.51 -15.52 17.68
CA SER B 75 12.32 -15.63 16.85
C SER B 75 12.28 -14.56 15.77
N LYS B 76 11.91 -14.96 14.57
CA LYS B 76 11.84 -14.04 13.44
C LYS B 76 10.41 -13.62 13.11
N GLY B 77 9.44 -14.40 13.56
CA GLY B 77 8.06 -14.07 13.29
C GLY B 77 7.19 -15.28 13.04
N TRP B 78 5.89 -15.04 12.89
CA TRP B 78 4.91 -16.08 12.65
C TRP B 78 3.79 -15.51 11.80
N TRP B 79 3.09 -16.35 11.06
CA TRP B 79 1.95 -15.89 10.30
C TRP B 79 0.92 -16.99 10.10
N TRP B 80 -0.34 -16.59 10.09
CA TRP B 80 -1.46 -17.50 9.88
C TRP B 80 -2.30 -16.84 8.82
N LYS B 81 -3.08 -17.63 8.09
CA LYS B 81 -3.95 -17.06 7.08
C LYS B 81 -5.38 -17.44 7.41
N LEU B 82 -6.31 -16.52 7.14
CA LEU B 82 -7.72 -16.76 7.42
C LEU B 82 -8.47 -16.79 6.10
N PRO B 83 -9.47 -17.68 5.98
CA PRO B 83 -9.94 -18.61 6.99
C PRO B 83 -9.16 -19.92 7.18
N ASP B 84 -8.06 -20.11 6.46
CA ASP B 84 -7.31 -21.36 6.57
C ASP B 84 -7.04 -21.84 8.00
N ALA B 85 -6.55 -20.95 8.85
CA ALA B 85 -6.24 -21.30 10.22
C ALA B 85 -7.39 -21.92 11.01
N LEU B 86 -8.63 -21.68 10.57
CA LEU B 86 -9.79 -22.20 11.28
C LEU B 86 -10.48 -23.36 10.57
N LYS B 87 -9.89 -23.86 9.49
CA LYS B 87 -10.49 -24.94 8.73
C LYS B 87 -10.84 -26.20 9.48
N ASP B 88 -10.17 -26.42 10.60
CA ASP B 88 -10.45 -27.62 11.38
C ASP B 88 -11.02 -27.27 12.75
N MET B 89 -11.71 -26.15 12.84
CA MET B 89 -12.28 -25.69 14.09
C MET B 89 -13.80 -25.82 14.17
N GLY B 90 -14.26 -26.87 14.83
CA GLY B 90 -15.68 -27.10 15.01
C GLY B 90 -16.60 -26.82 13.85
N ILE B 91 -17.78 -26.26 14.17
CA ILE B 91 -18.81 -25.95 13.19
C ILE B 91 -18.36 -24.98 12.11
N PHE B 92 -17.49 -24.03 12.45
CA PHE B 92 -17.02 -23.10 11.43
C PHE B 92 -16.30 -23.90 10.35
N GLY B 93 -15.37 -24.76 10.77
CA GLY B 93 -14.63 -25.57 9.82
C GLY B 93 -15.52 -26.43 8.94
N GLU B 94 -16.49 -27.11 9.55
CA GLU B 94 -17.38 -27.95 8.78
C GLU B 94 -18.10 -27.16 7.70
N ASN B 95 -18.60 -26.00 8.07
CA ASN B 95 -19.33 -25.19 7.13
C ASN B 95 -18.50 -24.71 5.95
N MET B 96 -17.23 -24.40 6.15
CA MET B 96 -16.44 -23.94 5.02
C MET B 96 -16.13 -25.03 3.99
N PHE B 97 -16.21 -26.29 4.38
CA PHE B 97 -15.96 -27.36 3.44
C PHE B 97 -17.23 -27.91 2.80
N TYR B 98 -18.35 -27.81 3.50
CA TYR B 98 -19.63 -28.30 2.99
C TYR B 98 -20.27 -27.30 2.01
N HIS B 99 -19.77 -26.07 2.01
CA HIS B 99 -20.32 -25.03 1.13
C HIS B 99 -19.28 -24.46 0.19
N PHE B 100 -19.71 -24.08 -1.01
CA PHE B 100 -18.82 -23.49 -1.99
C PHE B 100 -18.43 -22.10 -1.52
N LEU B 101 -19.43 -21.31 -1.14
CA LEU B 101 -19.21 -19.94 -0.69
C LEU B 101 -19.32 -19.71 0.80
N GLY B 102 -18.50 -18.79 1.28
CA GLY B 102 -18.49 -18.43 2.68
C GLY B 102 -18.15 -16.96 2.81
N ARG B 103 -18.44 -16.38 3.97
CA ARG B 103 -18.18 -14.97 4.21
C ARG B 103 -18.09 -14.80 5.73
N SER B 104 -17.12 -14.02 6.20
CA SER B 104 -16.97 -13.84 7.63
C SER B 104 -16.02 -12.73 8.03
N GLY B 105 -16.24 -12.19 9.23
CA GLY B 105 -15.38 -11.16 9.79
C GLY B 105 -14.71 -11.84 10.97
N TYR B 106 -13.81 -11.16 11.67
CA TYR B 106 -13.15 -11.81 12.80
C TYR B 106 -12.75 -10.89 13.93
N THR B 107 -12.60 -11.47 15.11
CA THR B 107 -12.11 -10.75 16.27
C THR B 107 -10.84 -11.56 16.54
N VAL B 108 -9.69 -10.90 16.44
CA VAL B 108 -8.42 -11.57 16.68
C VAL B 108 -7.87 -11.07 18.00
N HIS B 109 -7.59 -11.98 18.91
CA HIS B 109 -7.04 -11.60 20.20
C HIS B 109 -5.72 -12.32 20.44
N VAL B 110 -4.62 -11.59 20.33
CA VAL B 110 -3.29 -12.16 20.55
C VAL B 110 -2.92 -11.99 22.01
N GLN B 111 -2.46 -13.07 22.63
CA GLN B 111 -2.11 -13.05 24.04
C GLN B 111 -0.64 -13.31 24.30
N CYS B 112 -0.04 -12.51 25.16
CA CYS B 112 1.36 -12.69 25.52
C CYS B 112 1.73 -11.91 26.77
N ASN B 113 1.88 -12.62 27.89
CA ASN B 113 2.25 -11.99 29.15
C ASN B 113 3.68 -12.40 29.51
N ALA B 114 4.37 -11.55 30.25
CA ALA B 114 5.73 -11.79 30.69
C ALA B 114 5.85 -11.26 32.12
N SER B 115 6.57 -10.17 32.32
CA SER B 115 6.69 -9.57 33.64
C SER B 115 7.23 -8.16 33.55
N LYS B 116 7.21 -7.43 34.65
CA LYS B 116 7.68 -6.07 34.64
C LYS B 116 9.19 -5.96 34.53
N PHE B 117 9.85 -7.11 34.40
CA PHE B 117 11.29 -7.14 34.27
C PHE B 117 11.70 -7.76 32.94
N HIS B 118 10.72 -7.91 32.05
CA HIS B 118 10.94 -8.45 30.71
C HIS B 118 10.74 -7.28 29.76
N GLN B 119 11.29 -7.39 28.56
CA GLN B 119 11.11 -6.36 27.56
C GLN B 119 11.03 -7.04 26.20
N GLY B 120 10.29 -6.43 25.29
CA GLY B 120 10.12 -7.00 23.97
C GLY B 120 8.88 -6.37 23.37
N THR B 121 8.78 -6.39 22.05
CA THR B 121 7.65 -5.80 21.38
C THR B 121 7.28 -6.60 20.16
N LEU B 122 6.00 -6.95 20.07
CA LEU B 122 5.48 -7.69 18.92
C LEU B 122 4.64 -6.75 18.07
N LEU B 123 4.80 -6.83 16.76
CA LEU B 123 3.99 -6.03 15.85
C LEU B 123 2.95 -7.02 15.34
N VAL B 124 1.67 -6.77 15.66
CA VAL B 124 0.59 -7.63 15.22
C VAL B 124 -0.15 -6.94 14.08
N VAL B 125 -0.16 -7.55 12.91
CA VAL B 125 -0.79 -6.96 11.73
C VAL B 125 -1.78 -7.86 11.02
N MET B 126 -2.84 -7.27 10.49
CA MET B 126 -3.85 -8.00 9.72
C MET B 126 -3.73 -7.44 8.30
N ILE B 127 -3.26 -8.27 7.37
CA ILE B 127 -3.07 -7.85 5.98
C ILE B 127 -4.09 -8.45 5.04
N PRO B 128 -4.80 -7.61 4.26
CA PRO B 128 -5.77 -8.14 3.31
C PRO B 128 -5.02 -8.54 2.02
N GLU B 129 -5.37 -9.69 1.45
CA GLU B 129 -4.73 -10.18 0.24
C GLU B 129 -3.20 -10.17 0.34
N HIS B 130 -2.65 -10.91 1.30
CA HIS B 130 -1.21 -10.98 1.47
C HIS B 130 -0.65 -12.01 0.51
N GLN B 131 -0.48 -11.60 -0.75
CA GLN B 131 0.02 -12.48 -1.80
C GLN B 131 1.52 -12.66 -1.65
N LEU B 132 1.91 -13.78 -1.05
CA LEU B 132 3.31 -14.07 -0.79
C LEU B 132 4.15 -14.26 -2.04
N ALA B 133 5.44 -13.98 -1.88
CA ALA B 133 6.40 -14.09 -2.97
C ALA B 133 7.42 -15.20 -2.70
N THR B 134 8.10 -15.64 -3.75
CA THR B 134 9.16 -16.63 -3.63
C THR B 134 10.41 -15.83 -3.96
N VAL B 135 11.55 -16.23 -3.37
CA VAL B 135 12.82 -15.54 -3.63
C VAL B 135 13.75 -16.31 -4.55
N ASN B 136 14.25 -15.61 -5.57
CA ASN B 136 15.18 -16.20 -6.52
C ASN B 136 14.68 -17.50 -7.16
N LYS B 137 13.40 -17.61 -7.45
CA LYS B 137 12.90 -18.83 -8.06
C LYS B 137 12.11 -18.54 -9.33
N GLY B 138 12.52 -17.45 -10.01
CA GLY B 138 11.85 -17.09 -11.24
C GLY B 138 10.38 -16.80 -11.06
N ASN B 139 9.55 -17.34 -11.94
CA ASN B 139 8.11 -17.12 -11.85
C ASN B 139 7.37 -18.27 -11.15
N VAL B 140 8.09 -19.06 -10.37
CA VAL B 140 7.46 -20.14 -9.62
C VAL B 140 6.80 -19.49 -8.38
N ASN B 141 5.51 -19.71 -8.20
CA ASN B 141 4.79 -19.13 -7.08
C ASN B 141 4.59 -20.05 -5.89
N ALA B 142 4.34 -19.44 -4.73
CA ALA B 142 4.11 -20.17 -3.49
C ALA B 142 3.07 -21.27 -3.70
N GLY B 143 3.40 -22.48 -3.30
CA GLY B 143 2.50 -23.61 -3.46
C GLY B 143 1.33 -23.59 -2.49
N TYR B 144 0.20 -24.12 -2.93
CA TYR B 144 -1.01 -24.19 -2.12
C TYR B 144 -0.75 -24.72 -0.71
N LYS B 145 -0.03 -25.83 -0.62
CA LYS B 145 0.27 -26.44 0.65
C LYS B 145 0.97 -25.50 1.64
N TYR B 146 1.87 -24.66 1.13
CA TYR B 146 2.63 -23.75 1.97
C TYR B 146 1.85 -22.55 2.46
N THR B 147 0.83 -22.14 1.72
CA THR B 147 0.03 -21.01 2.15
C THR B 147 -1.23 -21.50 2.87
N HIS B 148 -1.24 -22.77 3.25
CA HIS B 148 -2.38 -23.33 3.96
C HIS B 148 -1.92 -24.22 5.13
N PRO B 149 -1.06 -23.68 6.01
CA PRO B 149 -0.53 -24.41 7.16
C PRO B 149 -1.55 -24.77 8.23
N GLY B 150 -2.74 -24.22 8.16
CA GLY B 150 -3.74 -24.52 9.17
C GLY B 150 -3.44 -23.81 10.48
N GLU B 151 -4.01 -24.31 11.58
CA GLU B 151 -3.81 -23.72 12.90
C GLU B 151 -2.37 -23.61 13.36
N ALA B 152 -1.49 -24.44 12.80
CA ALA B 152 -0.08 -24.43 13.18
C ALA B 152 0.61 -23.15 12.70
N GLY B 153 0.07 -22.56 11.64
CA GLY B 153 0.67 -21.35 11.10
C GLY B 153 2.07 -21.63 10.61
N ARG B 154 2.85 -20.58 10.38
CA ARG B 154 4.20 -20.78 9.92
C ARG B 154 5.20 -20.06 10.82
N GLU B 155 6.26 -20.77 11.21
CA GLU B 155 7.31 -20.20 12.04
C GLU B 155 8.34 -19.70 11.04
N VAL B 156 8.52 -18.39 10.98
CA VAL B 156 9.46 -17.85 10.04
C VAL B 156 10.89 -18.27 10.37
N GLY B 157 11.61 -18.71 9.32
CA GLY B 157 13.00 -19.12 9.49
C GLY B 157 13.23 -20.53 10.03
N THR B 158 12.32 -21.46 9.77
CA THR B 158 12.51 -22.83 10.29
C THR B 158 12.41 -23.84 9.15
N GLN B 159 11.39 -23.64 8.31
CA GLN B 159 11.16 -24.53 7.16
C GLN B 159 12.36 -24.73 6.19
N VAL B 160 12.70 -26.00 5.97
CA VAL B 160 13.77 -26.34 5.03
C VAL B 160 13.21 -26.04 3.64
N GLU B 161 13.86 -25.05 3.00
CA GLU B 161 13.43 -24.63 1.65
C GLU B 161 13.11 -25.74 0.61
N ASN B 162 12.03 -25.50 -0.14
CA ASN B 162 11.57 -26.36 -1.23
C ASN B 162 11.30 -25.33 -2.35
N GLU B 163 11.13 -25.79 -3.58
CA GLU B 163 10.91 -24.85 -4.67
C GLU B 163 9.72 -23.91 -4.48
N LYS B 164 8.58 -24.48 -4.10
CA LYS B 164 7.36 -23.69 -3.92
C LYS B 164 7.25 -23.04 -2.54
N GLN B 165 8.34 -23.06 -1.78
CA GLN B 165 8.38 -22.46 -0.45
C GLN B 165 8.34 -20.93 -0.57
N PRO B 166 7.45 -20.26 0.18
CA PRO B 166 7.35 -18.80 0.15
C PRO B 166 8.56 -18.12 0.77
N SER B 167 8.61 -16.81 0.67
CA SER B 167 9.70 -16.02 1.23
C SER B 167 9.62 -16.04 2.75
N ASP B 168 10.78 -16.03 3.41
CA ASP B 168 10.82 -16.01 4.86
C ASP B 168 11.50 -14.72 5.31
N ASP B 169 11.63 -13.76 4.39
CA ASP B 169 12.25 -12.48 4.70
C ASP B 169 11.27 -11.59 5.43
N ASN B 170 11.33 -11.58 6.75
CA ASN B 170 10.40 -10.77 7.52
C ASN B 170 10.55 -9.28 7.24
N TRP B 171 11.77 -8.80 7.02
CA TRP B 171 11.98 -7.38 6.75
C TRP B 171 11.40 -6.91 5.40
N LEU B 172 11.05 -7.85 4.52
CA LEU B 172 10.48 -7.50 3.23
C LEU B 172 9.02 -7.97 3.16
N ASN B 173 8.42 -8.12 4.33
CA ASN B 173 7.02 -8.53 4.47
C ASN B 173 6.64 -9.79 3.70
N PHE B 174 7.63 -10.59 3.35
CA PHE B 174 7.41 -11.82 2.60
C PHE B 174 6.79 -11.53 1.24
N ASP B 175 6.82 -10.27 0.80
CA ASP B 175 6.22 -9.91 -0.47
C ASP B 175 6.89 -8.80 -1.25
N GLY B 176 8.07 -8.36 -0.81
CA GLY B 176 8.78 -7.32 -1.55
C GLY B 176 8.55 -5.89 -1.11
N THR B 177 7.99 -5.68 0.07
CA THR B 177 7.73 -4.34 0.58
C THR B 177 8.41 -4.25 1.94
N LEU B 178 8.75 -3.05 2.39
CA LEU B 178 9.45 -2.89 3.66
C LEU B 178 8.61 -3.00 4.92
N LEU B 179 9.13 -3.75 5.89
CA LEU B 179 8.47 -3.99 7.18
C LEU B 179 7.94 -2.74 7.85
N GLY B 180 8.73 -1.67 7.85
CA GLY B 180 8.30 -0.45 8.51
C GLY B 180 7.00 0.16 8.01
N ASN B 181 6.56 -0.23 6.81
CA ASN B 181 5.33 0.32 6.28
C ASN B 181 4.12 -0.58 6.50
N LEU B 182 4.28 -1.64 7.26
CA LEU B 182 3.18 -2.55 7.53
C LEU B 182 2.12 -1.82 8.35
N LEU B 183 2.52 -0.74 9.01
CA LEU B 183 1.61 0.02 9.86
C LEU B 183 0.45 0.65 9.09
N ILE B 184 0.50 0.59 7.76
CA ILE B 184 -0.59 1.15 6.96
C ILE B 184 -1.79 0.20 7.02
N PHE B 185 -1.57 -1.03 7.51
CA PHE B 185 -2.62 -2.02 7.65
C PHE B 185 -3.11 -2.04 9.11
N PRO B 186 -4.32 -2.55 9.36
CA PRO B 186 -4.83 -2.61 10.73
C PRO B 186 -3.79 -3.32 11.59
N HIS B 187 -3.39 -2.69 12.69
CA HIS B 187 -2.36 -3.28 13.52
C HIS B 187 -2.37 -2.77 14.94
N GLN B 188 -1.56 -3.45 15.77
CA GLN B 188 -1.38 -3.10 17.17
C GLN B 188 -0.01 -3.63 17.57
N PHE B 189 0.50 -3.16 18.70
CA PHE B 189 1.81 -3.61 19.21
C PHE B 189 1.56 -4.22 20.57
N ILE B 190 2.32 -5.26 20.91
CA ILE B 190 2.23 -5.83 22.24
C ILE B 190 3.59 -5.50 22.82
N ASN B 191 3.68 -4.35 23.50
CA ASN B 191 4.91 -3.89 24.13
C ASN B 191 4.82 -4.38 25.57
N LEU B 192 5.63 -5.36 25.90
CA LEU B 192 5.60 -5.97 27.22
C LEU B 192 5.51 -5.04 28.43
N ARG B 193 6.04 -3.82 28.34
CA ARG B 193 5.97 -2.90 29.46
C ARG B 193 4.61 -2.26 29.57
N SER B 194 3.86 -2.28 28.46
CA SER B 194 2.54 -1.66 28.40
C SER B 194 1.33 -2.58 28.44
N ASN B 195 1.26 -3.54 27.52
CA ASN B 195 0.12 -4.43 27.46
C ASN B 195 0.48 -5.91 27.33
N ASN B 196 -0.48 -6.79 27.56
CA ASN B 196 -0.25 -8.22 27.45
C ASN B 196 -1.16 -8.85 26.41
N SER B 197 -1.75 -8.03 25.56
CA SER B 197 -2.64 -8.53 24.51
C SER B 197 -2.93 -7.49 23.46
N ALA B 198 -3.44 -7.95 22.32
CA ALA B 198 -3.80 -7.08 21.21
C ALA B 198 -5.14 -7.60 20.70
N THR B 199 -6.04 -6.70 20.36
CA THR B 199 -7.36 -7.10 19.85
C THR B 199 -7.67 -6.33 18.57
N LEU B 200 -7.95 -7.06 17.50
CA LEU B 200 -8.29 -6.45 16.24
C LEU B 200 -9.60 -7.07 15.73
N ILE B 201 -10.57 -6.22 15.38
CA ILE B 201 -11.84 -6.69 14.84
C ILE B 201 -11.80 -6.29 13.38
N VAL B 202 -11.88 -7.26 12.47
CA VAL B 202 -11.85 -6.92 11.05
C VAL B 202 -13.10 -7.36 10.32
N PRO B 203 -13.59 -6.53 9.39
CA PRO B 203 -14.79 -6.83 8.62
C PRO B 203 -14.40 -7.69 7.42
N TYR B 204 -15.38 -8.17 6.67
CA TYR B 204 -15.08 -8.95 5.49
C TYR B 204 -14.61 -7.95 4.43
N VAL B 205 -13.47 -8.25 3.79
CA VAL B 205 -12.92 -7.38 2.76
C VAL B 205 -12.63 -8.24 1.54
N ASN B 206 -13.22 -7.89 0.41
CA ASN B 206 -13.03 -8.63 -0.84
C ASN B 206 -13.67 -7.87 -1.99
N ALA B 207 -13.32 -8.22 -3.23
CA ALA B 207 -13.89 -7.56 -4.41
C ALA B 207 -15.19 -8.25 -4.83
N VAL B 208 -15.56 -9.31 -4.10
CA VAL B 208 -16.82 -10.03 -4.35
C VAL B 208 -17.49 -10.21 -2.99
N PRO B 209 -18.84 -10.26 -2.94
CA PRO B 209 -19.61 -10.41 -1.71
C PRO B 209 -19.36 -11.66 -0.87
N MET B 210 -19.05 -12.77 -1.54
CA MET B 210 -18.77 -14.04 -0.88
C MET B 210 -17.72 -14.72 -1.73
N ASP B 211 -17.02 -15.69 -1.17
CA ASP B 211 -15.98 -16.37 -1.93
C ASP B 211 -15.72 -17.76 -1.40
N SER B 212 -14.87 -18.50 -2.11
CA SER B 212 -14.50 -19.85 -1.73
C SER B 212 -13.50 -19.72 -0.59
N MET B 213 -13.81 -20.31 0.56
CA MET B 213 -12.92 -20.22 1.70
C MET B 213 -11.80 -21.24 1.60
N VAL B 214 -11.96 -22.19 0.68
CA VAL B 214 -10.95 -23.21 0.49
C VAL B 214 -9.82 -22.69 -0.39
N ARG B 215 -10.13 -21.92 -1.43
CA ARG B 215 -9.04 -21.44 -2.25
C ARG B 215 -8.60 -19.98 -2.16
N HIS B 216 -9.31 -19.19 -1.36
CA HIS B 216 -8.95 -17.79 -1.21
C HIS B 216 -8.83 -17.39 0.27
N ASN B 217 -7.63 -16.98 0.68
CA ASN B 217 -7.42 -16.55 2.06
C ASN B 217 -7.55 -15.03 2.05
N ASN B 218 -8.57 -14.53 2.73
CA ASN B 218 -8.84 -13.10 2.75
C ASN B 218 -7.87 -12.28 3.59
N TRP B 219 -7.62 -12.71 4.81
CA TRP B 219 -6.73 -11.98 5.71
C TRP B 219 -5.54 -12.82 6.12
N SER B 220 -4.45 -12.16 6.47
CA SER B 220 -3.25 -12.83 6.95
C SER B 220 -2.88 -12.17 8.26
N LEU B 221 -2.66 -12.98 9.30
CA LEU B 221 -2.26 -12.47 10.60
C LEU B 221 -0.75 -12.62 10.67
N VAL B 222 -0.05 -11.51 10.76
CA VAL B 222 1.41 -11.54 10.82
C VAL B 222 1.89 -10.97 12.16
N ILE B 223 2.76 -11.70 12.85
CA ILE B 223 3.30 -11.26 14.13
C ILE B 223 4.83 -11.27 14.01
N ILE B 224 5.44 -10.09 14.08
CA ILE B 224 6.88 -9.97 13.96
C ILE B 224 7.46 -9.31 15.20
N PRO B 225 8.40 -9.97 15.90
CA PRO B 225 8.94 -9.31 17.08
C PRO B 225 9.92 -8.18 16.60
N VAL B 226 9.56 -6.92 16.80
CA VAL B 226 10.39 -5.80 16.37
C VAL B 226 11.38 -5.39 17.46
N CYS B 227 11.15 -5.83 18.69
CA CYS B 227 12.04 -5.56 19.80
C CYS B 227 12.25 -6.90 20.45
N GLN B 228 13.49 -7.36 20.41
CA GLN B 228 13.88 -8.66 20.93
C GLN B 228 13.48 -8.92 22.37
N LEU B 229 13.00 -10.13 22.64
CA LEU B 229 12.60 -10.51 23.98
C LEU B 229 13.85 -10.64 24.85
N GLN B 230 13.89 -9.91 25.96
CA GLN B 230 15.03 -9.95 26.86
C GLN B 230 14.58 -9.87 28.31
N SER B 231 15.30 -10.59 29.18
CA SER B 231 15.04 -10.58 30.61
C SER B 231 16.23 -11.24 31.29
N ASN B 232 16.21 -11.31 32.60
CA ASN B 232 17.29 -11.95 33.34
C ASN B 232 16.79 -13.25 33.91
N ASN B 233 15.76 -13.81 33.27
CA ASN B 233 15.19 -15.07 33.70
C ASN B 233 14.75 -15.79 32.42
N ILE B 234 15.70 -16.00 31.52
CA ILE B 234 15.42 -16.63 30.24
C ILE B 234 14.85 -18.04 30.27
N SER B 235 15.09 -18.78 31.35
CA SER B 235 14.55 -20.14 31.43
C SER B 235 13.01 -20.16 31.40
N ASN B 236 12.38 -19.10 31.88
CA ASN B 236 10.91 -19.02 31.89
C ASN B 236 10.42 -18.82 30.46
N ILE B 237 9.68 -19.80 29.95
CA ILE B 237 9.18 -19.73 28.59
C ILE B 237 8.05 -18.72 28.46
N VAL B 238 8.14 -17.87 27.43
CA VAL B 238 7.14 -16.85 27.16
C VAL B 238 6.41 -17.20 25.87
N PRO B 239 5.22 -17.81 25.97
CA PRO B 239 4.42 -18.19 24.80
C PRO B 239 3.59 -17.04 24.22
N ILE B 240 3.08 -17.28 23.03
CA ILE B 240 2.22 -16.35 22.32
C ILE B 240 1.03 -17.22 21.94
N THR B 241 -0.17 -16.82 22.35
CA THR B 241 -1.35 -17.60 22.02
C THR B 241 -2.33 -16.73 21.25
N VAL B 242 -2.95 -17.31 20.22
CA VAL B 242 -3.89 -16.58 19.39
C VAL B 242 -5.28 -17.19 19.48
N SER B 243 -6.28 -16.36 19.71
CA SER B 243 -7.67 -16.81 19.78
C SER B 243 -8.40 -15.98 18.74
N ILE B 244 -9.08 -16.65 17.82
CA ILE B 244 -9.80 -15.97 16.75
C ILE B 244 -11.27 -16.36 16.75
N SER B 245 -12.14 -15.37 16.63
CA SER B 245 -13.58 -15.62 16.62
C SER B 245 -14.22 -15.12 15.35
N PRO B 246 -14.85 -16.01 14.57
CA PRO B 246 -15.50 -15.55 13.35
C PRO B 246 -16.66 -14.65 13.78
N MET B 247 -17.11 -13.79 12.89
CA MET B 247 -18.22 -12.90 13.19
C MET B 247 -19.11 -12.82 11.97
N CYS B 248 -20.41 -12.99 12.17
CA CYS B 248 -21.37 -12.92 11.08
C CYS B 248 -21.01 -13.89 9.98
N ALA B 249 -20.59 -15.08 10.36
CA ALA B 249 -20.24 -16.08 9.38
C ALA B 249 -21.51 -16.56 8.71
N GLU B 250 -21.48 -16.64 7.39
CA GLU B 250 -22.61 -17.14 6.64
C GLU B 250 -22.05 -17.87 5.43
N PHE B 251 -22.70 -18.98 5.07
CA PHE B 251 -22.26 -19.81 3.97
C PHE B 251 -23.38 -20.07 2.99
N SER B 252 -23.02 -20.41 1.76
CA SER B 252 -23.99 -20.64 0.71
C SER B 252 -23.47 -21.68 -0.29
N GLY B 253 -24.36 -22.30 -1.06
CA GLY B 253 -23.94 -23.31 -2.02
C GLY B 253 -23.60 -24.61 -1.32
N ALA B 254 -24.56 -25.18 -0.61
CA ALA B 254 -24.35 -26.43 0.11
C ALA B 254 -24.25 -27.64 -0.82
N ARG B 255 -23.42 -28.61 -0.45
CA ARG B 255 -23.21 -29.83 -1.23
C ARG B 255 -22.46 -30.79 -0.31
N ALA B 256 -21.72 -31.74 -0.90
CA ALA B 256 -20.95 -32.70 -0.13
C ALA B 256 -19.71 -31.99 0.42
N LYS B 257 -19.01 -32.62 1.35
CA LYS B 257 -17.84 -32.01 1.95
C LYS B 257 -16.59 -32.08 1.07
N THR B 258 -15.98 -30.91 0.83
CA THR B 258 -14.77 -30.84 0.03
C THR B 258 -13.64 -31.43 0.85
N VAL B 259 -12.85 -32.30 0.22
CA VAL B 259 -11.71 -32.90 0.90
C VAL B 259 -10.47 -32.43 0.16
N VAL B 260 -9.61 -31.70 0.86
CA VAL B 260 -8.41 -31.16 0.22
C VAL B 260 -7.16 -32.04 0.32
N GLN B 261 -6.42 -32.03 -0.79
CA GLN B 261 -5.15 -32.77 -1.00
C GLN B 261 -5.36 -34.00 -1.86
N GLY C 1 -19.82 24.57 -44.22
CA GLY C 1 -19.64 24.15 -42.83
C GLY C 1 -19.18 25.31 -41.98
N LEU C 2 -19.10 25.11 -40.67
CA LEU C 2 -18.65 26.16 -39.77
C LEU C 2 -17.16 26.39 -39.97
N PRO C 3 -16.76 27.62 -40.33
CA PRO C 3 -15.33 27.87 -40.49
C PRO C 3 -14.57 27.71 -39.16
N VAL C 4 -13.51 26.91 -39.18
CA VAL C 4 -12.70 26.68 -37.99
C VAL C 4 -11.23 27.03 -38.24
N TYR C 5 -10.50 27.26 -37.16
CA TYR C 5 -9.09 27.59 -37.21
C TYR C 5 -8.38 26.57 -36.32
N VAL C 6 -7.62 25.67 -36.93
CA VAL C 6 -6.91 24.65 -36.17
C VAL C 6 -5.79 25.31 -35.40
N THR C 7 -5.80 25.17 -34.09
CA THR C 7 -4.81 25.80 -33.24
C THR C 7 -3.60 24.92 -32.97
N PRO C 8 -2.44 25.54 -32.68
CA PRO C 8 -1.23 24.77 -32.38
C PRO C 8 -1.57 23.87 -31.19
N GLY C 9 -1.00 22.68 -31.17
CA GLY C 9 -1.29 21.75 -30.10
C GLY C 9 -2.18 20.64 -30.64
N SER C 10 -2.92 20.93 -31.71
CA SER C 10 -3.81 19.95 -32.30
C SER C 10 -3.07 18.67 -32.66
N GLY C 11 -3.74 17.54 -32.50
CA GLY C 11 -3.15 16.26 -32.84
C GLY C 11 -2.04 15.73 -31.98
N GLN C 12 -1.57 16.51 -31.02
CA GLN C 12 -0.49 16.08 -30.15
C GLN C 12 -1.09 15.19 -29.09
N PHE C 13 -0.24 14.43 -28.40
CA PHE C 13 -0.68 13.57 -27.31
C PHE C 13 0.13 14.01 -26.10
N MET C 14 -0.54 14.55 -25.09
CA MET C 14 0.13 14.96 -23.88
C MET C 14 -0.35 13.99 -22.83
N THR C 15 0.57 13.28 -22.17
CA THR C 15 0.18 12.29 -21.18
C THR C 15 -0.68 12.81 -20.03
N THR C 16 -0.75 14.12 -19.87
CA THR C 16 -1.53 14.69 -18.79
C THR C 16 -2.75 15.47 -19.30
N ASP C 17 -3.10 15.28 -20.57
CA ASP C 17 -4.27 15.97 -21.11
C ASP C 17 -5.52 15.37 -20.47
N ASP C 18 -6.65 16.03 -20.67
CA ASP C 18 -7.91 15.57 -20.10
C ASP C 18 -9.01 15.77 -21.13
N MET C 19 -9.09 14.82 -22.07
CA MET C 19 -10.09 14.87 -23.13
C MET C 19 -11.00 13.68 -23.03
N GLN C 20 -12.01 13.66 -23.90
CA GLN C 20 -12.95 12.57 -23.97
C GLN C 20 -12.62 11.75 -25.20
N SER C 21 -13.07 10.51 -25.23
CA SER C 21 -12.81 9.64 -26.35
C SER C 21 -13.94 8.62 -26.43
N PRO C 22 -14.27 8.18 -27.66
CA PRO C 22 -15.34 7.20 -27.85
C PRO C 22 -15.06 5.90 -27.10
N CYS C 23 -16.12 5.26 -26.62
CA CYS C 23 -15.99 4.01 -25.88
C CYS C 23 -15.97 2.81 -26.83
N ALA C 24 -14.95 1.98 -26.71
CA ALA C 24 -14.79 0.81 -27.57
C ALA C 24 -15.86 -0.23 -27.34
N LEU C 25 -16.47 -0.23 -26.16
CA LEU C 25 -17.52 -1.21 -25.83
C LEU C 25 -18.86 -0.54 -25.58
N PRO C 26 -19.56 -0.16 -26.65
CA PRO C 26 -20.86 0.50 -26.50
C PRO C 26 -21.88 -0.45 -25.87
N TRP C 27 -22.83 0.11 -25.12
CA TRP C 27 -23.90 -0.65 -24.48
C TRP C 27 -23.47 -1.50 -23.29
N TYR C 28 -22.16 -1.66 -23.09
CA TYR C 28 -21.65 -2.46 -21.99
C TYR C 28 -22.05 -1.89 -20.63
N HIS C 29 -22.52 -2.75 -19.74
CA HIS C 29 -22.92 -2.33 -18.41
C HIS C 29 -21.97 -2.92 -17.36
N PRO C 30 -21.19 -2.07 -16.70
CA PRO C 30 -20.21 -2.42 -15.68
C PRO C 30 -20.81 -3.17 -14.51
N THR C 31 -20.01 -4.01 -13.88
CA THR C 31 -20.47 -4.79 -12.75
C THR C 31 -20.87 -3.86 -11.60
N LYS C 32 -21.96 -4.24 -10.94
CA LYS C 32 -22.49 -3.51 -9.82
C LYS C 32 -21.41 -3.24 -8.76
N GLU C 33 -21.38 -2.04 -8.23
CA GLU C 33 -20.40 -1.68 -7.21
C GLU C 33 -20.89 -2.18 -5.86
N ILE C 34 -20.03 -2.82 -5.09
CA ILE C 34 -20.44 -3.29 -3.76
C ILE C 34 -19.62 -2.53 -2.73
N PHE C 35 -20.06 -2.53 -1.48
CA PHE C 35 -19.31 -1.84 -0.46
C PHE C 35 -18.08 -2.64 -0.06
N ILE C 36 -16.94 -1.96 -0.04
CA ILE C 36 -15.67 -2.57 0.36
C ILE C 36 -15.05 -1.63 1.38
N PRO C 37 -14.76 -2.12 2.58
CA PRO C 37 -14.15 -1.27 3.60
C PRO C 37 -12.76 -0.78 3.17
N GLY C 38 -12.37 0.38 3.67
CA GLY C 38 -11.05 0.90 3.35
C GLY C 38 -10.86 1.77 2.14
N GLU C 39 -11.90 2.43 1.64
CA GLU C 39 -11.73 3.28 0.48
C GLU C 39 -10.79 4.45 0.80
N VAL C 40 -9.91 4.75 -0.14
CA VAL C 40 -8.98 5.85 -0.01
C VAL C 40 -9.36 6.85 -1.10
N LYS C 41 -9.48 8.12 -0.74
CA LYS C 41 -9.84 9.12 -1.73
C LYS C 41 -8.72 10.10 -2.02
N ASN C 42 -7.79 10.25 -1.08
CA ASN C 42 -6.68 11.18 -1.25
C ASN C 42 -5.43 10.61 -0.57
N LEU C 43 -4.28 10.78 -1.21
CA LEU C 43 -3.03 10.26 -0.66
C LEU C 43 -2.68 10.85 0.69
N ILE C 44 -3.26 12.00 1.03
CA ILE C 44 -2.97 12.62 2.31
C ILE C 44 -3.39 11.64 3.43
N GLU C 45 -4.40 10.82 3.14
CA GLU C 45 -4.89 9.85 4.10
C GLU C 45 -3.80 8.87 4.48
N MET C 46 -2.88 8.62 3.57
CA MET C 46 -1.79 7.69 3.83
C MET C 46 -0.62 8.40 4.47
N CYS C 47 -0.49 9.70 4.23
CA CYS C 47 0.61 10.48 4.81
C CYS C 47 0.38 10.79 6.28
N GLN C 48 -0.86 10.60 6.75
CA GLN C 48 -1.17 10.91 8.13
C GLN C 48 -1.08 9.71 9.05
N VAL C 49 -0.60 8.58 8.52
CA VAL C 49 -0.45 7.36 9.29
C VAL C 49 1.03 7.11 9.59
N ASP C 50 1.32 6.85 10.86
CA ASP C 50 2.70 6.59 11.29
C ASP C 50 3.27 5.33 10.66
N THR C 51 4.53 5.41 10.24
CA THR C 51 5.23 4.23 9.73
C THR C 51 6.62 4.32 10.35
N LEU C 52 7.30 3.19 10.48
CA LEU C 52 8.61 3.15 11.10
C LEU C 52 9.74 3.71 10.23
N ILE C 53 10.65 4.42 10.89
CA ILE C 53 11.81 4.99 10.23
C ILE C 53 12.97 3.99 10.35
N PRO C 54 13.59 3.58 9.24
CA PRO C 54 14.71 2.63 9.31
C PRO C 54 15.93 3.48 9.73
N ILE C 55 15.83 4.07 10.91
CA ILE C 55 16.85 4.96 11.43
C ILE C 55 18.23 4.35 11.68
N ASN C 56 18.26 3.07 12.04
CA ASN C 56 19.52 2.40 12.30
C ASN C 56 19.95 1.59 11.08
N SER C 57 19.78 2.19 9.90
CA SER C 57 20.12 1.52 8.66
C SER C 57 21.60 1.56 8.26
N THR C 58 22.46 1.06 9.14
CA THR C 58 23.89 0.99 8.84
C THR C 58 23.98 -0.23 7.92
N GLN C 59 25.04 -0.30 7.11
CA GLN C 59 25.18 -1.42 6.18
C GLN C 59 25.02 -2.80 6.81
N SER C 60 25.46 -2.94 8.05
CA SER C 60 25.37 -4.23 8.73
C SER C 60 23.95 -4.55 9.21
N ASN C 61 23.14 -3.52 9.45
CA ASN C 61 21.77 -3.73 9.92
C ASN C 61 20.75 -3.87 8.81
N ILE C 62 21.04 -3.30 7.64
CA ILE C 62 20.08 -3.38 6.53
C ILE C 62 19.77 -4.84 6.20
N GLY C 63 18.49 -5.18 6.16
CA GLY C 63 18.07 -6.54 5.88
C GLY C 63 17.71 -7.24 7.18
N ASN C 64 17.67 -6.47 8.25
CA ASN C 64 17.37 -6.96 9.59
C ASN C 64 16.33 -6.06 10.24
N VAL C 65 15.50 -6.59 11.13
CA VAL C 65 14.50 -5.72 11.75
C VAL C 65 15.22 -4.72 12.65
N SER C 66 16.43 -5.06 13.07
CA SER C 66 17.22 -4.17 13.93
C SER C 66 17.51 -2.80 13.31
N MET C 67 17.33 -2.68 11.99
CA MET C 67 17.59 -1.39 11.36
C MET C 67 16.51 -0.40 11.77
N TYR C 68 15.47 -0.89 12.43
CA TYR C 68 14.37 -0.03 12.87
C TYR C 68 14.46 0.37 14.34
N THR C 69 15.46 -0.13 15.06
CA THR C 69 15.56 0.21 16.47
C THR C 69 16.83 0.96 16.84
N VAL C 70 16.73 1.75 17.90
CA VAL C 70 17.87 2.50 18.42
C VAL C 70 18.07 1.93 19.82
N THR C 71 19.30 1.58 20.17
CA THR C 71 19.54 1.01 21.48
C THR C 71 19.99 2.06 22.50
N LEU C 72 19.41 1.98 23.70
CA LEU C 72 19.73 2.90 24.78
C LEU C 72 20.33 2.09 25.91
N SER C 73 21.16 2.74 26.74
CA SER C 73 21.82 2.05 27.85
C SER C 73 22.39 3.05 28.85
N PRO C 74 22.74 2.58 30.05
CA PRO C 74 23.30 3.48 31.07
C PRO C 74 24.56 4.16 30.54
N GLN C 75 24.63 5.48 30.71
CA GLN C 75 25.77 6.23 30.23
C GLN C 75 26.73 6.53 31.36
N THR C 76 28.00 6.74 31.03
CA THR C 76 29.02 7.08 32.02
C THR C 76 29.38 8.55 31.83
N LYS C 77 29.03 9.09 30.67
CA LYS C 77 29.24 10.51 30.38
C LYS C 77 27.86 11.11 30.24
N LEU C 78 27.68 12.34 30.72
CA LEU C 78 26.39 12.99 30.65
C LEU C 78 26.09 13.64 29.31
N ALA C 79 24.80 13.82 29.01
CA ALA C 79 24.34 14.47 27.79
C ALA C 79 24.87 13.93 26.47
N GLU C 80 25.06 12.62 26.37
CA GLU C 80 25.55 12.00 25.16
C GLU C 80 24.51 12.04 24.02
N GLU C 81 25.00 12.06 22.78
CA GLU C 81 24.11 12.08 21.62
C GLU C 81 23.62 10.65 21.35
N ILE C 82 22.34 10.51 20.97
CA ILE C 82 21.77 9.21 20.70
C ILE C 82 21.66 8.97 19.19
N PHE C 83 21.10 9.94 18.47
CA PHE C 83 20.96 9.82 17.02
C PHE C 83 20.77 11.20 16.41
N ALA C 84 20.97 11.31 15.10
CA ALA C 84 20.81 12.56 14.39
C ALA C 84 20.47 12.24 12.94
N ILE C 85 19.46 12.91 12.40
CA ILE C 85 19.07 12.71 11.01
C ILE C 85 18.58 14.04 10.44
N LYS C 86 18.44 14.09 9.12
CA LYS C 86 17.95 15.30 8.47
C LYS C 86 16.44 15.23 8.50
N VAL C 87 15.80 16.40 8.52
CA VAL C 87 14.35 16.47 8.57
C VAL C 87 13.74 16.36 7.18
N ASP C 88 14.56 16.61 6.15
CA ASP C 88 14.09 16.54 4.77
C ASP C 88 13.33 15.25 4.49
N ILE C 89 12.05 15.42 4.20
CA ILE C 89 11.11 14.32 3.96
C ILE C 89 11.55 13.21 3.03
N ALA C 90 12.34 13.52 1.99
CA ALA C 90 12.76 12.47 1.07
C ALA C 90 14.24 12.13 1.17
N SER C 91 14.88 12.57 2.24
CA SER C 91 16.30 12.26 2.43
C SER C 91 16.37 10.94 3.20
N HIS C 92 17.55 10.33 3.25
CA HIS C 92 17.69 9.07 3.98
C HIS C 92 18.06 9.39 5.43
N PRO C 93 17.53 8.63 6.41
CA PRO C 93 16.68 7.44 6.32
C PRO C 93 15.15 7.63 6.21
N LEU C 94 14.67 8.85 5.97
CA LEU C 94 13.23 9.05 5.89
C LEU C 94 12.62 8.54 4.58
N ALA C 95 13.41 8.57 3.51
CA ALA C 95 12.97 8.18 2.18
C ALA C 95 12.04 6.97 2.03
N THR C 96 12.37 5.83 2.62
CA THR C 96 11.51 4.65 2.45
C THR C 96 10.32 4.51 3.38
N THR C 97 10.04 5.52 4.21
CA THR C 97 8.88 5.47 5.08
C THR C 97 7.71 5.76 4.13
N LEU C 98 6.49 5.43 4.51
CA LEU C 98 5.37 5.67 3.62
C LEU C 98 5.27 7.13 3.19
N ILE C 99 5.45 8.06 4.12
CA ILE C 99 5.37 9.48 3.77
C ILE C 99 6.53 9.88 2.86
N GLY C 100 7.71 9.28 3.05
CA GLY C 100 8.85 9.60 2.21
C GLY C 100 8.63 9.06 0.82
N GLU C 101 8.08 7.84 0.72
CA GLU C 101 7.80 7.22 -0.56
C GLU C 101 6.77 8.01 -1.35
N ILE C 102 5.74 8.49 -0.68
CA ILE C 102 4.70 9.26 -1.36
C ILE C 102 5.25 10.64 -1.74
N ALA C 103 6.04 11.25 -0.87
CA ALA C 103 6.62 12.55 -1.16
C ALA C 103 7.52 12.48 -2.38
N SER C 104 8.09 11.30 -2.64
CA SER C 104 8.96 11.12 -3.78
C SER C 104 8.22 11.04 -5.10
N TYR C 105 6.89 11.08 -5.05
CA TYR C 105 6.07 11.06 -6.25
C TYR C 105 5.64 12.50 -6.53
N PHE C 106 6.17 13.43 -5.75
CA PHE C 106 5.87 14.85 -5.91
C PHE C 106 7.17 15.64 -5.88
N THR C 107 7.13 16.87 -6.37
CA THR C 107 8.31 17.73 -6.42
C THR C 107 8.42 18.72 -5.27
N HIS C 108 7.29 19.19 -4.77
CA HIS C 108 7.26 20.15 -3.69
C HIS C 108 6.55 19.62 -2.46
N TRP C 109 6.97 20.08 -1.29
CA TRP C 109 6.32 19.69 -0.05
C TRP C 109 6.25 20.89 0.88
N THR C 110 5.34 20.82 1.85
CA THR C 110 5.17 21.89 2.83
C THR C 110 4.45 21.26 4.01
N GLY C 111 4.46 21.94 5.15
CA GLY C 111 3.78 21.41 6.31
C GLY C 111 4.67 20.95 7.44
N SER C 112 4.05 20.60 8.55
CA SER C 112 4.76 20.16 9.72
C SER C 112 4.80 18.64 9.81
N LEU C 113 5.91 18.11 10.33
CA LEU C 113 6.09 16.68 10.46
C LEU C 113 5.95 16.24 11.91
N ARG C 114 5.39 15.06 12.11
CA ARG C 114 5.21 14.51 13.43
C ARG C 114 6.08 13.28 13.63
N PHE C 115 7.04 13.37 14.55
CA PHE C 115 7.94 12.26 14.84
C PHE C 115 7.57 11.68 16.19
N SER C 116 7.27 10.39 16.24
CA SER C 116 6.93 9.75 17.50
C SER C 116 7.97 8.70 17.85
N PHE C 117 8.12 8.45 19.14
CA PHE C 117 9.08 7.48 19.62
C PHE C 117 8.47 6.61 20.71
N MET C 118 8.62 5.30 20.57
CA MET C 118 8.07 4.36 21.56
C MET C 118 9.22 3.61 22.25
N PHE C 119 9.26 3.68 23.58
CA PHE C 119 10.29 3.02 24.36
C PHE C 119 9.92 1.55 24.58
N CYS C 120 10.89 0.65 24.37
CA CYS C 120 10.67 -0.80 24.52
C CYS C 120 11.32 -1.46 25.71
N GLY C 121 11.85 -0.67 26.64
CA GLY C 121 12.48 -1.26 27.81
C GLY C 121 11.46 -1.88 28.74
N THR C 122 11.93 -2.44 29.85
CA THR C 122 11.02 -3.05 30.81
C THR C 122 10.16 -1.98 31.47
N ALA C 123 9.12 -2.41 32.17
CA ALA C 123 8.24 -1.48 32.85
C ALA C 123 9.00 -0.81 33.99
N ASN C 124 10.11 -1.40 34.41
CA ASN C 124 10.89 -0.85 35.51
C ASN C 124 12.09 0.00 35.07
N THR C 125 12.22 0.23 33.77
CA THR C 125 13.32 1.03 33.23
C THR C 125 12.88 2.49 33.08
N THR C 126 13.64 3.43 33.63
CA THR C 126 13.30 4.85 33.50
C THR C 126 14.30 5.58 32.59
N LEU C 127 13.89 6.73 32.08
CA LEU C 127 14.74 7.51 31.19
C LEU C 127 14.09 8.84 30.80
N LYS C 128 14.92 9.88 30.65
CA LYS C 128 14.47 11.20 30.22
C LYS C 128 15.38 11.54 29.06
N VAL C 129 14.79 11.88 27.93
CA VAL C 129 15.55 12.17 26.72
C VAL C 129 15.13 13.53 26.17
N LEU C 130 16.04 14.22 25.49
CA LEU C 130 15.72 15.51 24.88
C LEU C 130 15.75 15.36 23.36
N LEU C 131 14.62 15.60 22.72
CA LEU C 131 14.50 15.52 21.26
C LEU C 131 14.45 16.95 20.74
N ALA C 132 15.35 17.29 19.82
CA ALA C 132 15.39 18.65 19.32
C ALA C 132 15.38 18.79 17.81
N TYR C 133 14.77 19.88 17.35
CA TYR C 133 14.72 20.20 15.94
C TYR C 133 15.51 21.49 15.75
N THR C 134 16.47 21.46 14.84
CA THR C 134 17.30 22.63 14.57
C THR C 134 16.94 23.21 13.21
N PRO C 135 16.34 24.41 13.20
CA PRO C 135 15.99 25.05 11.93
C PRO C 135 17.26 25.28 11.12
N PRO C 136 17.14 25.40 9.80
CA PRO C 136 18.31 25.61 8.93
C PRO C 136 19.11 26.88 9.19
N GLY C 137 20.19 27.04 8.43
CA GLY C 137 21.05 28.21 8.57
C GLY C 137 22.13 28.01 9.61
N ILE C 138 22.35 26.76 10.01
CA ILE C 138 23.35 26.43 11.01
C ILE C 138 23.63 24.93 10.90
N GLY C 139 24.81 24.49 11.34
CA GLY C 139 25.13 23.08 11.25
C GLY C 139 24.41 22.29 12.33
N LYS C 140 24.43 20.97 12.27
CA LYS C 140 23.76 20.21 13.30
C LYS C 140 24.44 20.52 14.64
N PRO C 141 23.66 20.59 15.73
CA PRO C 141 24.23 20.89 17.05
C PRO C 141 25.29 19.89 17.46
N ARG C 142 26.35 20.39 18.10
CA ARG C 142 27.46 19.55 18.54
C ARG C 142 27.31 19.10 19.98
N SER C 143 26.34 19.66 20.70
CA SER C 143 26.11 19.31 22.09
C SER C 143 24.67 19.47 22.46
N ARG C 144 24.29 18.93 23.61
CA ARG C 144 22.91 19.04 24.06
C ARG C 144 22.58 20.52 24.26
N LYS C 145 23.51 21.28 24.82
CA LYS C 145 23.26 22.69 25.04
C LYS C 145 22.95 23.41 23.73
N GLU C 146 23.68 23.05 22.68
CA GLU C 146 23.47 23.67 21.39
C GLU C 146 22.10 23.30 20.79
N ALA C 147 21.71 22.03 20.92
CA ALA C 147 20.45 21.54 20.39
C ALA C 147 19.26 22.11 21.14
N MET C 148 19.39 22.13 22.45
CA MET C 148 18.36 22.60 23.37
C MET C 148 17.87 24.03 23.06
N LEU C 149 18.70 24.82 22.40
CA LEU C 149 18.33 26.21 22.06
C LEU C 149 17.28 26.28 20.95
N GLY C 150 17.08 25.18 20.24
CA GLY C 150 16.09 25.15 19.17
C GLY C 150 14.78 24.58 19.67
N THR C 151 13.93 24.11 18.77
CA THR C 151 12.65 23.51 19.15
C THR C 151 12.95 22.16 19.79
N HIS C 152 12.30 21.85 20.91
CA HIS C 152 12.57 20.58 21.55
C HIS C 152 11.51 20.10 22.52
N VAL C 153 11.56 18.81 22.80
CA VAL C 153 10.65 18.16 23.73
C VAL C 153 11.48 17.33 24.69
N VAL C 154 11.20 17.42 25.99
CA VAL C 154 11.90 16.61 26.96
C VAL C 154 10.91 15.48 27.25
N TRP C 155 11.29 14.27 26.87
CA TRP C 155 10.47 13.08 27.01
C TRP C 155 10.77 12.30 28.27
N ASP C 156 9.77 12.12 29.11
CA ASP C 156 9.93 11.36 30.34
C ASP C 156 9.25 10.02 30.12
N VAL C 157 10.01 8.94 30.18
CA VAL C 157 9.46 7.60 29.97
C VAL C 157 8.70 7.16 31.24
N GLY C 158 7.47 6.71 31.04
CA GLY C 158 6.65 6.27 32.15
C GLY C 158 5.55 5.39 31.62
N LEU C 159 4.37 5.39 32.25
CA LEU C 159 3.25 4.55 31.81
C LEU C 159 2.96 4.66 30.32
N GLN C 160 2.92 5.88 29.81
CA GLN C 160 2.67 6.08 28.40
C GLN C 160 4.01 5.98 27.68
N SER C 161 4.10 4.93 26.86
CA SER C 161 5.30 4.57 26.12
C SER C 161 5.75 5.50 25.02
N THR C 162 4.80 6.17 24.37
CA THR C 162 5.13 7.03 23.25
C THR C 162 5.08 8.54 23.45
N VAL C 163 5.97 9.25 22.76
CA VAL C 163 6.03 10.71 22.80
C VAL C 163 6.06 11.22 21.35
N SER C 164 5.65 12.46 21.13
CA SER C 164 5.67 13.02 19.79
C SER C 164 6.34 14.39 19.77
N LEU C 165 7.17 14.60 18.76
CA LEU C 165 7.87 15.86 18.57
C LEU C 165 7.36 16.37 17.23
N VAL C 166 6.93 17.62 17.17
CA VAL C 166 6.45 18.17 15.93
C VAL C 166 7.52 19.09 15.35
N VAL C 167 7.87 18.88 14.09
CA VAL C 167 8.85 19.73 13.43
C VAL C 167 7.98 20.74 12.69
N PRO C 168 7.88 21.97 13.20
CA PRO C 168 7.07 23.04 12.61
C PRO C 168 7.55 23.45 11.25
N TRP C 169 6.64 23.94 10.41
CA TRP C 169 7.07 24.38 9.12
C TRP C 169 7.72 25.75 9.32
N ILE C 170 9.04 25.78 9.30
CA ILE C 170 9.79 27.01 9.45
C ILE C 170 10.64 27.09 8.20
N SER C 171 10.19 27.93 7.27
CA SER C 171 10.87 28.08 6.00
C SER C 171 10.70 29.50 5.46
N ALA C 172 11.56 29.88 4.53
CA ALA C 172 11.47 31.20 3.94
C ALA C 172 10.36 31.10 2.89
N SER C 173 10.47 30.09 2.04
CA SER C 173 9.49 29.83 0.98
C SER C 173 8.34 28.97 1.47
N GLN C 174 7.19 29.10 0.83
CA GLN C 174 6.00 28.36 1.20
C GLN C 174 6.17 26.85 0.99
N TYR C 175 7.02 26.48 0.03
CA TYR C 175 7.29 25.08 -0.28
C TYR C 175 8.78 24.83 -0.37
N ARG C 176 9.15 23.56 -0.32
CA ARG C 176 10.55 23.14 -0.43
C ARG C 176 10.57 22.01 -1.46
N PHE C 177 11.73 21.72 -2.04
CA PHE C 177 11.84 20.64 -3.00
C PHE C 177 11.95 19.36 -2.19
N THR C 178 11.33 18.28 -2.68
CA THR C 178 11.42 17.01 -1.98
C THR C 178 12.81 16.45 -2.19
N THR C 179 13.36 16.68 -3.37
CA THR C 179 14.71 16.23 -3.67
C THR C 179 15.71 17.10 -2.93
N PRO C 180 16.84 16.52 -2.49
CA PRO C 180 17.89 17.26 -1.78
C PRO C 180 18.34 18.50 -2.53
N ASP C 181 18.04 19.66 -1.95
CA ASP C 181 18.38 20.95 -2.55
C ASP C 181 18.88 21.85 -1.42
N THR C 182 20.09 22.39 -1.61
CA THR C 182 20.71 23.24 -0.61
C THR C 182 19.78 24.34 -0.10
N TYR C 183 19.21 25.08 -1.05
CA TYR C 183 18.33 26.18 -0.71
C TYR C 183 17.15 25.72 0.17
N SER C 184 16.61 24.52 -0.09
CA SER C 184 15.47 24.09 0.70
C SER C 184 15.69 23.01 1.77
N SER C 185 16.94 22.79 2.21
CA SER C 185 17.18 21.78 3.26
C SER C 185 16.45 22.30 4.53
N ALA C 186 15.72 21.41 5.20
CA ALA C 186 14.92 21.80 6.34
C ALA C 186 15.49 21.76 7.75
N GLY C 187 16.72 21.28 7.92
CA GLY C 187 17.26 21.22 9.26
C GLY C 187 17.49 19.82 9.78
N TYR C 188 17.71 19.70 11.09
CA TYR C 188 18.00 18.40 11.72
C TYR C 188 17.20 18.05 12.95
N ILE C 189 17.21 16.78 13.29
CA ILE C 189 16.57 16.28 14.49
C ILE C 189 17.66 15.51 15.22
N THR C 190 17.92 15.87 16.46
CA THR C 190 18.92 15.17 17.24
C THR C 190 18.27 14.73 18.54
N CYS C 191 18.80 13.67 19.14
CA CYS C 191 18.28 13.13 20.38
C CYS C 191 19.44 13.03 21.36
N TRP C 192 19.22 13.46 22.60
CA TRP C 192 20.27 13.44 23.63
C TRP C 192 19.74 12.93 24.95
N TYR C 193 20.65 12.46 25.81
CA TYR C 193 20.22 11.98 27.11
C TYR C 193 19.98 13.21 27.96
N GLN C 194 18.81 13.32 28.56
CA GLN C 194 18.49 14.47 29.41
C GLN C 194 19.04 14.10 30.79
N THR C 195 18.69 12.90 31.26
CA THR C 195 19.22 12.41 32.53
C THR C 195 20.03 11.15 32.18
N ASN C 196 19.46 9.98 32.43
CA ASN C 196 20.16 8.73 32.12
C ASN C 196 19.20 7.54 32.13
N PHE C 197 19.62 6.47 31.49
CA PHE C 197 18.88 5.22 31.44
C PHE C 197 19.16 4.59 32.80
N VAL C 198 18.13 4.37 33.60
CA VAL C 198 18.33 3.77 34.92
C VAL C 198 17.44 2.54 35.10
N VAL C 199 18.01 1.49 35.68
CA VAL C 199 17.27 0.24 35.90
C VAL C 199 17.60 -0.31 37.28
N PRO C 200 16.75 -1.19 37.82
CA PRO C 200 16.99 -1.80 39.12
C PRO C 200 17.94 -2.98 38.85
N PRO C 201 18.37 -3.68 39.89
CA PRO C 201 19.25 -4.83 39.61
C PRO C 201 18.44 -5.91 38.90
N ASN C 202 19.12 -6.85 38.24
CA ASN C 202 18.48 -7.96 37.52
C ASN C 202 17.54 -7.56 36.41
N THR C 203 17.86 -6.49 35.71
CA THR C 203 17.04 -5.99 34.62
C THR C 203 17.97 -5.73 33.44
N PRO C 204 17.57 -6.14 32.23
CA PRO C 204 18.43 -5.90 31.07
C PRO C 204 18.99 -4.47 31.06
N ASN C 205 20.28 -4.35 30.80
CA ASN C 205 20.95 -3.07 30.78
C ASN C 205 20.93 -2.31 29.46
N THR C 206 20.11 -2.77 28.53
CA THR C 206 19.93 -2.06 27.27
C THR C 206 18.47 -2.21 26.91
N ALA C 207 17.98 -1.29 26.09
CA ALA C 207 16.58 -1.32 25.67
C ALA C 207 16.51 -0.69 24.30
N GLU C 208 15.48 -1.04 23.54
CA GLU C 208 15.29 -0.49 22.20
C GLU C 208 14.24 0.61 22.20
N MET C 209 14.21 1.34 21.09
CA MET C 209 13.28 2.43 20.91
C MET C 209 12.87 2.38 19.44
N LEU C 210 11.58 2.60 19.16
CA LEU C 210 11.10 2.60 17.77
C LEU C 210 10.77 4.04 17.38
N CYS C 211 11.01 4.38 16.11
CA CYS C 211 10.76 5.74 15.62
C CYS C 211 9.74 5.79 14.49
N PHE C 212 8.75 6.66 14.64
CA PHE C 212 7.70 6.81 13.65
C PHE C 212 7.67 8.22 13.06
N VAL C 213 7.03 8.35 11.91
CA VAL C 213 6.87 9.64 11.27
C VAL C 213 5.57 9.66 10.46
N SER C 214 4.92 10.82 10.44
CA SER C 214 3.68 11.04 9.70
C SER C 214 3.52 12.55 9.54
N GLY C 215 2.57 12.99 8.74
CA GLY C 215 2.40 14.41 8.54
C GLY C 215 1.30 15.05 9.34
N CYS C 216 1.47 16.33 9.69
CA CYS C 216 0.47 17.03 10.46
C CYS C 216 -0.64 17.55 9.54
N LYS C 217 -1.62 18.24 10.13
CA LYS C 217 -2.75 18.77 9.38
C LYS C 217 -2.37 19.69 8.23
N ASP C 218 -1.20 20.31 8.32
CA ASP C 218 -0.76 21.22 7.28
C ASP C 218 0.13 20.60 6.21
N PHE C 219 0.39 19.30 6.30
CA PHE C 219 1.25 18.63 5.32
C PHE C 219 0.58 18.64 3.94
N CYS C 220 1.37 18.90 2.92
CA CYS C 220 0.84 18.95 1.56
C CYS C 220 1.97 18.74 0.53
N LEU C 221 1.67 17.98 -0.52
CA LEU C 221 2.64 17.69 -1.58
C LEU C 221 2.12 18.32 -2.87
N ARG C 222 3.03 18.64 -3.79
CA ARG C 222 2.64 19.31 -5.03
C ARG C 222 3.51 18.94 -6.23
N MET C 223 2.95 19.07 -7.43
CA MET C 223 3.63 18.75 -8.71
C MET C 223 4.10 17.30 -8.83
N ALA C 224 3.19 16.44 -9.29
CA ALA C 224 3.47 15.03 -9.46
C ALA C 224 4.65 14.75 -10.38
N ARG C 225 5.48 13.81 -9.96
CA ARG C 225 6.66 13.40 -10.73
C ARG C 225 6.89 11.91 -10.50
N ASP C 226 7.72 11.29 -11.33
CA ASP C 226 7.99 9.87 -11.15
C ASP C 226 9.02 9.73 -10.04
N THR C 227 8.92 8.63 -9.28
CA THR C 227 9.81 8.40 -8.17
C THR C 227 11.18 7.90 -8.57
N ASP C 228 12.17 8.25 -7.76
CA ASP C 228 13.53 7.82 -7.99
C ASP C 228 13.88 6.74 -6.98
N LEU C 229 12.90 6.31 -6.18
CA LEU C 229 13.14 5.27 -5.18
C LEU C 229 12.82 3.86 -5.68
N HIS C 230 12.57 3.73 -6.98
CA HIS C 230 12.30 2.43 -7.58
C HIS C 230 12.66 2.47 -9.06
N LYS C 231 13.25 1.40 -9.56
CA LYS C 231 13.64 1.37 -10.97
C LYS C 231 13.31 0.04 -11.66
N GLN C 232 13.51 0.03 -12.97
CA GLN C 232 13.29 -1.17 -13.78
C GLN C 232 14.52 -1.23 -14.68
N THR C 233 15.39 -2.21 -14.44
CA THR C 233 16.60 -2.33 -15.23
C THR C 233 16.49 -3.37 -16.33
N GLY C 234 15.31 -3.99 -16.46
CA GLY C 234 15.11 -4.98 -17.51
C GLY C 234 13.64 -5.24 -17.74
N PRO C 235 13.30 -6.09 -18.71
CA PRO C 235 11.87 -6.38 -18.97
C PRO C 235 11.27 -7.16 -17.84
N ILE C 236 9.96 -6.98 -17.61
CA ILE C 236 9.25 -7.72 -16.60
C ILE C 236 8.51 -8.71 -17.47
N THR C 237 8.82 -10.00 -17.32
CA THR C 237 8.20 -11.04 -18.15
C THR C 237 7.19 -11.89 -17.41
N GLN C 238 6.54 -12.75 -18.16
CA GLN C 238 5.57 -13.67 -17.61
C GLN C 238 6.28 -14.92 -17.04
N GLY D 1 -24.82 16.29 -24.31
CA GLY D 1 -24.73 15.91 -22.92
C GLY D 1 -24.34 17.21 -22.35
N ALA D 2 -25.31 18.05 -21.95
CA ALA D 2 -24.85 19.34 -21.46
C ALA D 2 -25.44 19.84 -20.13
N GLN D 3 -24.55 19.94 -19.14
CA GLN D 3 -24.93 20.43 -17.80
C GLN D 3 -24.68 21.94 -17.81
N VAL D 4 -25.77 22.67 -18.12
CA VAL D 4 -25.75 24.13 -18.20
C VAL D 4 -26.09 24.81 -16.87
N SER D 5 -25.09 25.51 -16.33
CA SER D 5 -25.28 26.23 -15.06
C SER D 5 -25.27 27.71 -15.42
N ARG D 6 -25.77 28.48 -14.46
CA ARG D 6 -25.80 29.91 -14.68
C ARG D 6 -25.49 30.64 -13.35
N GLN D 7 -24.75 31.75 -13.51
CA GLN D 7 -24.35 32.58 -12.38
C GLN D 7 -24.01 33.97 -12.94
N SER D 23 -23.33 37.07 -16.61
CA SER D 23 -23.61 35.70 -16.04
C SER D 23 -22.46 34.72 -16.41
N LEU D 24 -22.08 33.85 -15.44
CA LEU D 24 -21.03 32.87 -15.71
C LEU D 24 -21.75 31.50 -15.92
N ASN D 25 -21.94 31.13 -17.19
CA ASN D 25 -22.60 29.87 -17.50
C ASN D 25 -21.57 28.76 -17.74
N TYR D 26 -21.86 27.61 -17.12
CA TYR D 26 -21.00 26.45 -17.25
C TYR D 26 -21.64 25.45 -18.24
N PHE D 27 -20.78 24.85 -19.08
CA PHE D 27 -21.27 23.87 -20.04
C PHE D 27 -20.44 22.61 -19.93
N ASN D 28 -20.94 21.71 -19.08
CA ASN D 28 -20.27 20.44 -18.87
C ASN D 28 -20.85 19.47 -19.91
N ILE D 29 -20.28 19.51 -21.13
CA ILE D 29 -20.78 18.66 -22.21
C ILE D 29 -20.18 17.29 -22.23
N ASN D 30 -20.99 16.29 -22.51
CA ASN D 30 -20.54 14.93 -22.61
C ASN D 30 -20.81 14.62 -24.10
N TYR D 31 -19.73 14.55 -24.89
CA TYR D 31 -19.84 14.31 -26.32
C TYR D 31 -20.21 12.92 -26.79
N PHE D 32 -19.96 11.91 -25.98
CA PHE D 32 -20.27 10.56 -26.37
C PHE D 32 -21.32 9.97 -25.42
N LYS D 33 -21.96 8.90 -25.84
CA LYS D 33 -23.01 8.31 -25.00
C LYS D 33 -22.65 7.26 -23.95
N ASP D 34 -21.36 7.10 -23.65
CA ASP D 34 -20.98 6.11 -22.63
C ASP D 34 -20.24 6.87 -21.55
N ALA D 35 -20.57 6.57 -20.29
CA ALA D 35 -19.94 7.22 -19.16
C ALA D 35 -18.42 7.10 -19.14
N ALA D 36 -17.89 5.99 -19.67
CA ALA D 36 -16.45 5.79 -19.71
C ALA D 36 -15.77 6.84 -20.57
N SER D 37 -16.49 7.36 -21.54
CA SER D 37 -15.94 8.35 -22.46
C SER D 37 -15.61 9.69 -21.85
N SER D 38 -16.27 10.07 -20.76
CA SER D 38 -16.01 11.37 -20.17
C SER D 38 -14.61 11.51 -19.57
N GLY D 39 -14.20 12.75 -19.34
CA GLY D 39 -12.88 13.01 -18.79
C GLY D 39 -12.75 12.73 -17.31
N ALA D 40 -11.68 13.25 -16.72
CA ALA D 40 -11.38 13.05 -15.31
C ALA D 40 -12.54 13.43 -14.42
N SER D 41 -12.71 12.68 -13.35
CA SER D 41 -13.80 12.93 -12.41
C SER D 41 -13.57 14.14 -11.53
N ARG D 42 -14.66 14.67 -10.99
CA ARG D 42 -14.62 15.82 -10.08
C ARG D 42 -14.20 15.24 -8.74
N LEU D 43 -13.76 16.10 -7.83
CA LEU D 43 -13.30 15.60 -6.54
C LEU D 43 -14.24 15.68 -5.33
N ASP D 44 -14.07 14.65 -4.48
CA ASP D 44 -14.75 14.39 -3.20
C ASP D 44 -16.06 13.54 -3.21
#